data_2P1P
#
_entry.id   2P1P
#
_cell.length_a   102.085
_cell.length_b   80.406
_cell.length_c   124.902
_cell.angle_alpha   90.00
_cell.angle_beta   105.16
_cell.angle_gamma   90.00
#
_symmetry.space_group_name_H-M   'C 1 2 1'
#
loop_
_entity.id
_entity.type
_entity.pdbx_description
1 polymer 'SKP1-like protein 1A'
2 polymer 'TRANSPORT INHIBITOR RESPONSE 1 protein'
3 non-polymer 'INOSITOL HEXAKISPHOSPHATE'
4 non-polymer '1H-INDOL-3-YLACETIC ACID'
5 water water
#
loop_
_entity_poly.entity_id
_entity_poly.type
_entity_poly.pdbx_seq_one_letter_code
_entity_poly.pdbx_strand_id
1 'polypeptide(L)'
;MSAKKIVLKSSDGESFEVEEAVALESQTIAHMVEDDCVDNGVPLPNVTSKILAKVIEYCKRHVEAAASKAEAVEGAATSD
DDLKAWDADFMKIDQATLFELILAANYLNIKNLLDLTCQTVADMIKGKTPEEIRTTFNIKNDFTPEEEEEVRRENQWAFE
;
A
2 'polypeptide(L)'
;MQKRIALSFPEEVLEHVFSFIQLDKDRNSVSLVCKSWYEIERWCRRKVFIGNCYAVSPATVIRRFPKVRSVELKGKPHFA
DFNLVPDGWGGYVYPWIEAMSSSYTWLEEIRLKRMVVTDDCLELIAKSFKNFKVLVLSSCEGFSTDGLAAIAATCRNLKE
LDLRESDVDDVSGHWLSHFPDTYTSLVSLNISCLASEVSFSALERLVTRCPNLKSLKLNRAVPLEKLATLLQRAPQLEEL
GTGGYTAEVRPDVYSGLSVALSGCKELRCLSGFWDAVPAYLPAVYSVCSRLTTLNLSYATVQSYDLVKLLCQCPKLQRLW
VLDYIEDAGLEVLASTCKDLRELRVFPSEPFVMEPNVALTEQGLVSVSMGCPKLESVLYFCRQMTNAALITIARNRPNMT
RFRLCIIEPKAPDYLTLEPLDIGFGAIVEHCKDLRRLSLSGLLTDKVFEYIGTYAKKMEMLSVAFAGDSDLGMHHVLSGC
DSLRKLEIRDCPFGDKALLANASKLETMRSLWMSSCSVSFGACKLLGQKMPKLNVEVIDERGAPDSRPESCPVERVFIYR
TVAGPRFDMPGFVWNMDQDSTMRFSRQIITTNGL
;
B
#
# COMPACT_ATOMS: atom_id res chain seq x y z
N LEU A 8 20.39 47.34 -19.09
CA LEU A 8 19.04 46.72 -19.38
C LEU A 8 17.95 47.77 -19.52
N LYS A 9 17.23 47.71 -20.66
CA LYS A 9 16.12 48.63 -20.92
C LYS A 9 14.83 47.86 -20.79
N SER A 10 13.86 48.44 -20.07
CA SER A 10 12.54 47.84 -19.95
C SER A 10 11.59 48.28 -21.07
N SER A 11 10.39 47.71 -21.08
CA SER A 11 9.42 47.91 -22.13
C SER A 11 8.79 49.31 -22.08
N ASP A 12 8.87 49.97 -20.93
CA ASP A 12 8.38 51.35 -20.80
C ASP A 12 9.51 52.38 -20.90
N GLY A 13 10.56 52.02 -21.63
CA GLY A 13 11.63 52.95 -21.99
C GLY A 13 12.61 53.25 -20.87
N GLU A 14 12.36 52.66 -19.69
CA GLU A 14 13.19 52.87 -18.51
C GLU A 14 14.50 52.07 -18.61
N SER A 15 15.48 52.48 -17.81
CA SER A 15 16.84 51.97 -17.91
C SER A 15 17.35 51.53 -16.54
N PHE A 16 17.98 50.36 -16.49
CA PHE A 16 18.36 49.69 -15.23
C PHE A 16 19.84 49.31 -15.13
N GLU A 17 20.48 49.73 -14.05
CA GLU A 17 21.92 49.54 -13.85
C GLU A 17 22.24 48.32 -13.00
N VAL A 18 22.66 47.25 -13.65
CA VAL A 18 23.04 46.01 -12.96
C VAL A 18 24.43 45.56 -13.42
N GLU A 19 25.00 44.60 -12.70
CA GLU A 19 26.34 44.09 -13.00
C GLU A 19 26.22 42.79 -13.78
N GLU A 20 27.34 42.30 -14.33
CA GLU A 20 27.35 41.06 -15.12
C GLU A 20 26.82 39.85 -14.34
N ALA A 21 27.20 39.75 -13.07
CA ALA A 21 26.76 38.68 -12.18
C ALA A 21 25.23 38.56 -12.12
N VAL A 22 24.60 39.67 -11.76
CA VAL A 22 23.13 39.79 -11.69
C VAL A 22 22.45 39.61 -13.06
N ALA A 23 23.07 40.14 -14.12
CA ALA A 23 22.51 40.08 -15.47
C ALA A 23 22.62 38.70 -16.17
N LEU A 24 23.67 37.93 -15.85
CA LEU A 24 23.81 36.57 -16.41
C LEU A 24 22.91 35.51 -15.72
N GLU A 25 22.17 35.89 -14.67
CA GLU A 25 21.16 35.01 -14.11
C GLU A 25 19.99 34.83 -15.06
N SER A 26 19.87 35.75 -16.02
CA SER A 26 18.92 35.60 -17.10
C SER A 26 19.59 34.98 -18.32
N GLN A 27 19.11 33.81 -18.72
CA GLN A 27 19.72 33.08 -19.82
C GLN A 27 19.35 33.78 -21.13
N THR A 28 18.32 34.64 -21.07
CA THR A 28 17.85 35.42 -22.21
C THR A 28 18.83 36.57 -22.49
N ILE A 29 18.97 37.46 -21.49
CA ILE A 29 19.98 38.51 -21.46
C ILE A 29 21.36 37.96 -21.82
N ALA A 30 21.79 36.92 -21.10
CA ALA A 30 23.08 36.28 -21.34
C ALA A 30 23.13 35.63 -22.72
N VAL A 42 20.92 46.40 -23.32
CA VAL A 42 20.10 45.20 -23.58
C VAL A 42 18.61 45.50 -23.41
N PRO A 43 17.86 45.50 -24.52
CA PRO A 43 16.43 45.83 -24.48
C PRO A 43 15.54 44.62 -24.11
N LEU A 44 14.69 44.82 -23.10
CA LEU A 44 13.74 43.82 -22.64
C LEU A 44 12.34 44.36 -22.89
N PRO A 45 11.84 44.26 -24.15
CA PRO A 45 10.53 44.81 -24.48
C PRO A 45 9.33 44.01 -23.95
N ASN A 46 9.56 42.98 -23.12
CA ASN A 46 8.43 42.22 -22.58
C ASN A 46 8.25 42.32 -21.06
N VAL A 47 9.07 43.13 -20.42
CA VAL A 47 8.96 43.43 -18.98
C VAL A 47 8.59 44.90 -18.77
N PHE A 99 2.13 36.58 -11.28
CA PHE A 99 1.59 36.24 -12.60
C PHE A 99 2.30 37.03 -13.70
N GLU A 100 2.52 38.33 -13.44
CA GLU A 100 3.40 39.15 -14.28
C GLU A 100 4.86 38.76 -14.03
N LEU A 101 5.17 38.43 -12.77
CA LEU A 101 6.48 37.92 -12.32
C LEU A 101 6.82 36.63 -13.04
N ILE A 102 5.82 35.76 -13.13
CA ILE A 102 5.98 34.44 -13.75
C ILE A 102 6.32 34.62 -15.21
N LEU A 103 5.56 35.49 -15.87
CA LEU A 103 5.82 35.79 -17.27
C LEU A 103 7.23 36.33 -17.44
N ALA A 104 7.67 37.11 -16.47
CA ALA A 104 9.02 37.69 -16.43
C ALA A 104 10.13 36.64 -16.24
N ALA A 105 9.99 35.74 -15.26
CA ALA A 105 10.96 34.66 -15.06
C ALA A 105 11.13 33.86 -16.33
N ASN A 106 10.00 33.55 -16.94
CA ASN A 106 9.95 32.70 -18.10
C ASN A 106 10.63 33.35 -19.31
N TYR A 107 10.27 34.61 -19.57
CA TYR A 107 10.74 35.35 -20.72
C TYR A 107 12.25 35.59 -20.63
N LEU A 108 12.72 35.79 -19.40
CA LEU A 108 14.11 36.09 -19.10
C LEU A 108 14.92 34.81 -18.86
N ASN A 109 14.23 33.66 -18.85
CA ASN A 109 14.81 32.35 -18.54
C ASN A 109 15.67 32.35 -17.28
N ILE A 110 15.07 32.80 -16.18
CA ILE A 110 15.72 32.77 -14.88
C ILE A 110 15.12 31.58 -14.14
N LYS A 111 15.94 30.54 -14.05
CA LYS A 111 15.55 29.20 -13.64
C LYS A 111 15.02 29.09 -12.20
N ASN A 112 15.74 29.65 -11.23
CA ASN A 112 15.29 29.59 -9.83
C ASN A 112 14.04 30.41 -9.57
N LEU A 113 14.00 31.61 -10.15
CA LEU A 113 12.86 32.49 -10.04
C LEU A 113 11.64 31.81 -10.62
N LEU A 114 11.85 31.09 -11.73
CA LEU A 114 10.78 30.36 -12.40
C LEU A 114 10.30 29.22 -11.53
N ASP A 115 11.24 28.41 -11.01
CA ASP A 115 10.91 27.39 -10.03
C ASP A 115 10.14 28.02 -8.86
N LEU A 116 10.70 29.07 -8.28
CA LEU A 116 10.10 29.69 -7.10
C LEU A 116 8.67 30.22 -7.35
N THR A 117 8.48 31.00 -8.41
CA THR A 117 7.14 31.42 -8.84
C THR A 117 6.18 30.25 -9.15
N CYS A 118 6.68 29.20 -9.81
CA CYS A 118 5.86 28.03 -10.23
C CYS A 118 5.42 27.14 -9.08
N GLN A 119 6.31 26.86 -8.13
CA GLN A 119 5.95 26.19 -6.88
C GLN A 119 4.90 26.97 -6.06
N THR A 120 4.99 28.31 -6.07
CA THR A 120 4.04 29.19 -5.38
C THR A 120 2.63 29.07 -5.99
N VAL A 121 2.57 29.02 -7.32
CA VAL A 121 1.32 28.83 -8.03
C VAL A 121 0.74 27.43 -7.79
N ALA A 122 1.61 26.42 -7.80
CA ALA A 122 1.24 25.04 -7.51
C ALA A 122 0.62 24.90 -6.12
N ASP A 123 1.15 25.63 -5.15
CA ASP A 123 0.56 25.68 -3.82
C ASP A 123 -0.86 26.25 -3.81
N MET A 124 -1.13 27.17 -4.73
CA MET A 124 -2.46 27.75 -4.85
C MET A 124 -3.45 26.71 -5.36
N ILE A 125 -2.92 25.64 -5.96
CA ILE A 125 -3.73 24.56 -6.55
C ILE A 125 -3.94 23.40 -5.57
N LYS A 126 -2.83 22.88 -5.03
CA LYS A 126 -2.82 21.63 -4.25
C LYS A 126 -3.95 21.59 -3.23
N GLY A 127 -4.73 20.52 -3.25
CA GLY A 127 -5.81 20.35 -2.28
C GLY A 127 -7.12 21.04 -2.63
N LYS A 128 -7.14 21.77 -3.75
CA LYS A 128 -8.37 22.42 -4.25
C LYS A 128 -9.15 21.61 -5.31
N THR A 129 -10.48 21.71 -5.27
CA THR A 129 -11.33 21.13 -6.32
C THR A 129 -11.24 21.95 -7.62
N PRO A 130 -11.71 21.38 -8.75
CA PRO A 130 -11.75 22.09 -10.03
C PRO A 130 -12.38 23.48 -9.94
N GLU A 131 -13.57 23.56 -9.34
CA GLU A 131 -14.31 24.82 -9.24
C GLU A 131 -13.52 25.93 -8.58
N GLU A 132 -12.84 25.62 -7.48
CA GLU A 132 -12.05 26.62 -6.75
C GLU A 132 -10.79 27.00 -7.48
N ILE A 133 -10.10 26.01 -8.06
CA ILE A 133 -8.95 26.27 -8.88
C ILE A 133 -9.33 27.31 -9.92
N ARG A 134 -10.46 27.10 -10.60
CA ARG A 134 -10.87 28.03 -11.66
C ARG A 134 -11.46 29.34 -11.13
N THR A 135 -12.06 29.27 -9.94
CA THR A 135 -12.45 30.47 -9.22
C THR A 135 -11.26 31.40 -9.07
N THR A 136 -10.18 30.89 -8.47
CA THR A 136 -9.02 31.71 -8.11
C THR A 136 -8.18 32.26 -9.30
N PHE A 137 -8.14 31.51 -10.40
CA PHE A 137 -7.33 31.85 -11.57
C PHE A 137 -8.18 32.49 -12.67
N ASN A 138 -9.44 32.76 -12.35
CA ASN A 138 -10.47 33.20 -13.28
C ASN A 138 -10.57 32.42 -14.60
N ILE A 139 -10.78 31.11 -14.47
CA ILE A 139 -10.96 30.21 -15.62
C ILE A 139 -12.44 29.77 -15.67
N LYS A 140 -12.98 29.66 -16.88
CA LYS A 140 -14.37 29.21 -17.06
C LYS A 140 -14.45 27.77 -17.58
N ASN A 141 -15.45 27.04 -17.06
CA ASN A 141 -15.66 25.65 -17.42
C ASN A 141 -16.08 25.53 -18.88
N ASP A 142 -15.23 24.89 -19.69
CA ASP A 142 -15.54 24.66 -21.10
C ASP A 142 -15.80 23.17 -21.42
N PHE A 143 -15.98 22.36 -20.37
CA PHE A 143 -16.49 20.99 -20.48
C PHE A 143 -18.01 21.05 -20.56
N THR A 144 -18.63 20.39 -21.54
CA THR A 144 -20.09 20.13 -21.45
C THR A 144 -20.37 19.23 -20.24
N PRO A 145 -21.57 19.31 -19.64
CA PRO A 145 -21.85 18.46 -18.46
C PRO A 145 -21.48 17.00 -18.62
N GLU A 146 -21.74 16.46 -19.81
CA GLU A 146 -21.36 15.08 -20.07
C GLU A 146 -19.86 14.87 -20.05
N GLU A 147 -19.11 15.72 -20.76
CA GLU A 147 -17.65 15.64 -20.72
C GLU A 147 -17.12 15.62 -19.28
N GLU A 148 -17.51 16.60 -18.48
CA GLU A 148 -17.04 16.66 -17.09
C GLU A 148 -17.41 15.40 -16.28
N GLU A 149 -18.53 14.78 -16.64
CA GLU A 149 -19.01 13.56 -15.98
C GLU A 149 -18.08 12.38 -16.27
N GLU A 150 -17.80 12.19 -17.56
CA GLU A 150 -16.96 11.13 -18.09
C GLU A 150 -15.51 11.16 -17.57
N VAL A 151 -14.96 12.38 -17.45
CA VAL A 151 -13.58 12.58 -17.00
C VAL A 151 -13.47 12.32 -15.49
N ARG A 152 -14.38 12.91 -14.69
CA ARG A 152 -14.44 12.69 -13.21
C ARG A 152 -14.62 11.23 -12.83
N ARG A 153 -15.45 10.52 -13.61
CA ARG A 153 -15.67 9.11 -13.37
C ARG A 153 -14.41 8.26 -13.64
N GLU A 154 -13.74 8.50 -14.75
CA GLU A 154 -12.52 7.82 -15.13
C GLU A 154 -11.43 8.14 -14.12
N ASN A 155 -11.30 9.43 -13.78
CA ASN A 155 -10.38 9.91 -12.76
C ASN A 155 -10.60 9.09 -11.48
N GLN A 156 -11.86 8.98 -11.05
CA GLN A 156 -12.13 8.40 -9.73
C GLN A 156 -12.15 6.86 -9.73
N TRP A 157 -12.72 6.27 -10.77
CA TRP A 157 -12.87 4.84 -10.82
C TRP A 157 -11.57 4.16 -11.16
N ALA A 158 -10.80 4.81 -12.05
CA ALA A 158 -9.61 4.18 -12.63
C ALA A 158 -8.26 4.65 -12.05
N PHE A 159 -8.15 5.91 -11.64
CA PHE A 159 -6.82 6.56 -11.46
C PHE A 159 -6.63 7.12 -10.07
N GLU A 160 -7.56 6.81 -9.20
CA GLU A 160 -7.48 7.24 -7.86
C GLU A 160 -7.53 6.00 -6.99
N SER B 8 -3.50 30.29 -16.48
CA SER B 8 -3.55 31.65 -17.13
C SER B 8 -2.22 32.05 -17.83
N PHE B 9 -1.39 31.03 -18.12
CA PHE B 9 0.00 31.20 -18.56
C PHE B 9 0.30 30.44 -19.84
N PRO B 10 1.41 30.76 -20.54
CA PRO B 10 1.84 29.93 -21.69
C PRO B 10 1.91 28.45 -21.28
N GLU B 11 1.87 27.53 -22.24
CA GLU B 11 1.76 26.08 -21.95
C GLU B 11 2.97 25.53 -21.17
N GLU B 12 4.15 26.01 -21.55
CA GLU B 12 5.43 25.84 -20.88
C GLU B 12 5.40 26.13 -19.39
N VAL B 13 4.74 27.23 -19.00
CA VAL B 13 4.65 27.62 -17.59
C VAL B 13 3.73 26.67 -16.80
N LEU B 14 2.56 26.34 -17.34
CA LEU B 14 1.63 25.44 -16.66
C LEU B 14 2.23 24.08 -16.42
N GLU B 15 2.84 23.52 -17.45
CA GLU B 15 3.55 22.26 -17.35
C GLU B 15 4.54 22.29 -16.18
N HIS B 16 5.32 23.37 -16.11
CA HIS B 16 6.25 23.59 -15.00
C HIS B 16 5.57 23.73 -13.65
N VAL B 17 4.46 24.46 -13.59
CA VAL B 17 3.63 24.50 -12.39
C VAL B 17 3.21 23.08 -11.99
N PHE B 18 2.82 22.26 -12.97
CA PHE B 18 2.34 20.89 -12.65
C PHE B 18 3.42 19.96 -12.13
N SER B 19 4.68 20.18 -12.51
CA SER B 19 5.76 19.31 -12.04
C SER B 19 5.79 19.24 -10.52
N PHE B 20 5.23 20.28 -9.88
CA PHE B 20 5.27 20.45 -8.44
C PHE B 20 4.03 19.81 -7.79
N ILE B 21 3.17 19.22 -8.62
CA ILE B 21 1.97 18.54 -8.17
C ILE B 21 2.06 17.04 -8.47
N GLN B 22 2.40 16.23 -7.47
CA GLN B 22 2.57 14.80 -7.79
C GLN B 22 1.47 13.86 -7.21
N LEU B 23 0.60 14.39 -6.37
CA LEU B 23 -0.46 13.57 -5.75
C LEU B 23 -1.53 13.24 -6.79
N ASP B 24 -1.95 11.97 -6.86
CA ASP B 24 -3.00 11.50 -7.77
C ASP B 24 -4.25 12.38 -7.75
N LYS B 25 -4.76 12.69 -6.55
CA LYS B 25 -5.99 13.47 -6.38
C LYS B 25 -5.90 14.91 -6.86
N ASP B 26 -4.73 15.53 -6.69
CA ASP B 26 -4.51 16.92 -7.09
C ASP B 26 -4.39 16.99 -8.60
N ARG B 27 -3.73 15.98 -9.17
CA ARG B 27 -3.60 15.82 -10.60
C ARG B 27 -4.97 15.63 -11.30
N ASN B 28 -5.83 14.82 -10.68
CA ASN B 28 -7.20 14.66 -11.11
C ASN B 28 -8.03 15.98 -11.01
N SER B 29 -7.88 16.74 -9.94
CA SER B 29 -8.56 18.04 -9.84
C SER B 29 -8.10 18.98 -10.96
N VAL B 30 -6.79 19.14 -11.17
CA VAL B 30 -6.28 19.99 -12.28
C VAL B 30 -6.80 19.57 -13.66
N SER B 31 -6.92 18.27 -13.91
CA SER B 31 -7.40 17.78 -15.22
C SER B 31 -8.84 18.21 -15.56
N LEU B 32 -9.59 18.61 -14.53
CA LEU B 32 -10.99 19.02 -14.60
C LEU B 32 -11.23 20.52 -14.41
N VAL B 33 -10.18 21.35 -14.33
CA VAL B 33 -10.42 22.82 -14.33
C VAL B 33 -10.83 23.42 -15.68
N CYS B 34 -10.30 22.85 -16.77
CA CYS B 34 -10.73 23.16 -18.15
C CYS B 34 -10.08 22.20 -19.14
N LYS B 35 -10.56 22.18 -20.39
CA LYS B 35 -10.02 21.27 -21.42
C LYS B 35 -8.51 21.50 -21.65
N SER B 36 -8.08 22.73 -21.46
CA SER B 36 -6.67 23.11 -21.65
C SER B 36 -5.76 22.46 -20.58
N TRP B 37 -6.15 22.58 -19.32
CA TRP B 37 -5.44 21.97 -18.20
C TRP B 37 -5.53 20.47 -18.30
N TYR B 38 -6.65 19.96 -18.80
CA TYR B 38 -6.84 18.52 -19.02
C TYR B 38 -5.75 18.02 -19.93
N GLU B 39 -5.57 18.72 -21.04
CA GLU B 39 -4.54 18.42 -22.05
C GLU B 39 -3.09 18.53 -21.54
N ILE B 40 -2.73 19.69 -20.97
CA ILE B 40 -1.36 19.85 -20.40
C ILE B 40 -1.10 18.76 -19.34
N GLU B 41 -2.07 18.50 -18.47
CA GLU B 41 -1.81 17.50 -17.43
C GLU B 41 -1.70 16.04 -17.89
N ARG B 42 -2.53 15.56 -18.82
CA ARG B 42 -2.36 14.22 -19.39
C ARG B 42 -0.92 14.00 -19.81
N TRP B 43 -0.37 14.99 -20.51
CA TRP B 43 0.93 14.89 -21.18
C TRP B 43 2.15 14.96 -20.27
N CYS B 44 2.00 15.45 -19.04
CA CYS B 44 3.15 15.52 -18.13
C CYS B 44 2.95 14.69 -16.86
N ARG B 45 1.86 13.92 -16.80
CA ARG B 45 1.65 12.95 -15.73
C ARG B 45 2.65 11.78 -15.78
N ARG B 46 3.39 11.64 -14.67
CA ARG B 46 4.53 10.71 -14.57
C ARG B 46 4.18 9.35 -14.05
N LYS B 47 3.14 9.29 -13.22
CA LYS B 47 2.79 8.14 -12.41
C LYS B 47 1.30 7.90 -12.51
N VAL B 48 0.96 6.64 -12.57
CA VAL B 48 -0.42 6.27 -12.60
C VAL B 48 -0.65 5.12 -11.53
N PHE B 49 -1.72 5.23 -10.74
CA PHE B 49 -2.08 4.26 -9.68
C PHE B 49 -3.39 3.67 -10.07
N ILE B 50 -3.39 2.37 -10.29
CA ILE B 50 -4.61 1.65 -10.69
C ILE B 50 -4.91 0.62 -9.59
N GLY B 51 -5.76 1.00 -8.64
CA GLY B 51 -6.03 0.14 -7.50
C GLY B 51 -6.85 -1.11 -7.79
N ASN B 52 -7.44 -1.19 -8.97
CA ASN B 52 -8.17 -2.38 -9.38
C ASN B 52 -7.88 -2.53 -10.84
N CYS B 53 -7.11 -3.53 -11.21
CA CYS B 53 -6.66 -3.66 -12.59
C CYS B 53 -7.81 -3.90 -13.60
N TYR B 54 -8.98 -4.33 -13.11
CA TYR B 54 -10.16 -4.55 -13.98
C TYR B 54 -11.13 -3.36 -14.04
N ALA B 55 -10.77 -2.29 -13.33
CA ALA B 55 -11.52 -1.03 -13.34
C ALA B 55 -11.33 -0.22 -14.63
N VAL B 56 -10.32 -0.57 -15.42
CA VAL B 56 -9.92 0.20 -16.62
C VAL B 56 -9.05 -0.70 -17.51
N SER B 57 -9.05 -0.41 -18.82
CA SER B 57 -8.24 -1.17 -19.78
C SER B 57 -6.86 -0.54 -19.97
N PRO B 58 -5.82 -1.36 -20.28
CA PRO B 58 -4.49 -0.78 -20.61
C PRO B 58 -4.54 0.28 -21.71
N ALA B 59 -5.32 0.04 -22.76
CA ALA B 59 -5.41 0.97 -23.87
C ALA B 59 -5.90 2.34 -23.43
N THR B 60 -6.89 2.39 -22.54
CA THR B 60 -7.44 3.65 -22.00
C THR B 60 -6.36 4.42 -21.23
N VAL B 61 -5.63 3.69 -20.39
CA VAL B 61 -4.55 4.29 -19.59
C VAL B 61 -3.48 4.84 -20.52
N ILE B 62 -3.06 4.03 -21.48
CA ILE B 62 -1.95 4.39 -22.36
C ILE B 62 -2.30 5.55 -23.27
N ARG B 63 -3.51 5.57 -23.83
CA ARG B 63 -3.87 6.74 -24.58
C ARG B 63 -4.12 8.02 -23.79
N ARG B 64 -4.67 7.95 -22.57
CA ARG B 64 -4.84 9.18 -21.82
C ARG B 64 -3.52 9.82 -21.35
N PHE B 65 -2.58 8.97 -20.91
CA PHE B 65 -1.35 9.34 -20.23
C PHE B 65 -0.15 8.75 -20.97
N PRO B 66 0.28 9.43 -22.06
CA PRO B 66 1.24 8.83 -22.95
C PRO B 66 2.68 8.86 -22.43
N LYS B 67 2.98 9.63 -21.38
CA LYS B 67 4.39 9.82 -20.99
C LYS B 67 4.76 9.23 -19.61
N VAL B 68 3.98 8.25 -19.19
CA VAL B 68 4.09 7.64 -17.88
C VAL B 68 5.46 6.96 -17.70
N ARG B 69 6.05 7.13 -16.53
CA ARG B 69 7.27 6.43 -16.26
C ARG B 69 7.11 5.49 -15.10
N SER B 70 6.00 5.63 -14.38
CA SER B 70 5.77 4.81 -13.21
C SER B 70 4.33 4.34 -13.18
N VAL B 71 4.12 3.02 -13.09
CA VAL B 71 2.77 2.48 -12.94
C VAL B 71 2.64 1.56 -11.74
N GLU B 72 1.49 1.64 -11.11
CA GLU B 72 1.20 0.77 -10.01
C GLU B 72 -0.12 0.14 -10.21
N LEU B 73 -0.14 -1.18 -10.07
CA LEU B 73 -1.35 -1.99 -10.33
C LEU B 73 -1.65 -2.95 -9.20
N LYS B 74 -2.93 -3.14 -8.86
CA LYS B 74 -3.35 -4.14 -7.85
C LYS B 74 -4.42 -5.04 -8.44
N GLY B 75 -4.39 -6.34 -8.14
CA GLY B 75 -5.29 -7.31 -8.79
C GLY B 75 -6.31 -7.88 -7.83
N LYS B 76 -6.07 -9.08 -7.33
CA LYS B 76 -6.98 -9.74 -6.42
C LYS B 76 -7.31 -8.91 -5.21
N PRO B 77 -8.55 -9.03 -4.76
CA PRO B 77 -8.92 -8.39 -3.53
C PRO B 77 -8.20 -9.00 -2.29
N HIS B 78 -8.14 -8.20 -1.24
CA HIS B 78 -7.49 -8.55 0.01
C HIS B 78 -7.80 -9.98 0.56
N PHE B 79 -9.05 -10.41 0.47
CA PHE B 79 -9.44 -11.71 1.08
C PHE B 79 -8.76 -12.92 0.37
N ALA B 80 -8.13 -12.68 -0.79
CA ALA B 80 -7.16 -13.60 -1.37
C ALA B 80 -6.06 -14.02 -0.39
N ASP B 81 -5.59 -13.09 0.46
CA ASP B 81 -4.62 -13.43 1.53
C ASP B 81 -5.17 -14.47 2.49
N PHE B 82 -6.48 -14.55 2.61
CA PHE B 82 -7.11 -15.53 3.47
C PHE B 82 -7.59 -16.79 2.73
N ASN B 83 -7.04 -16.99 1.53
CA ASN B 83 -7.35 -18.13 0.67
C ASN B 83 -8.77 -18.28 0.16
N LEU B 84 -9.45 -17.17 -0.06
CA LEU B 84 -10.87 -17.21 -0.33
C LEU B 84 -11.19 -16.83 -1.79
N VAL B 85 -10.15 -16.55 -2.56
CA VAL B 85 -10.25 -16.33 -4.01
C VAL B 85 -9.57 -17.58 -4.69
N PRO B 86 -10.34 -18.47 -5.33
CA PRO B 86 -9.69 -19.67 -5.90
C PRO B 86 -8.67 -19.32 -6.96
N ASP B 87 -7.71 -20.21 -7.17
CA ASP B 87 -6.64 -20.08 -8.16
C ASP B 87 -7.19 -19.95 -9.56
N GLY B 88 -6.60 -19.07 -10.36
CA GLY B 88 -7.13 -18.89 -11.69
C GLY B 88 -8.17 -17.79 -11.79
N TRP B 89 -8.56 -17.20 -10.66
CA TRP B 89 -9.58 -16.14 -10.68
C TRP B 89 -9.26 -15.02 -11.69
N GLY B 90 -8.02 -14.52 -11.67
CA GLY B 90 -7.57 -13.44 -12.58
C GLY B 90 -6.42 -12.66 -11.95
N GLY B 91 -6.28 -11.39 -12.35
CA GLY B 91 -5.15 -10.55 -11.97
C GLY B 91 -3.88 -10.69 -12.80
N TYR B 92 -3.99 -11.21 -14.01
CA TYR B 92 -2.92 -11.29 -14.98
C TYR B 92 -2.37 -9.95 -15.40
N VAL B 93 -1.07 -9.76 -15.22
CA VAL B 93 -0.46 -8.49 -15.61
C VAL B 93 0.05 -8.53 -17.06
N TYR B 94 0.20 -9.71 -17.62
CA TYR B 94 0.74 -9.79 -18.98
C TYR B 94 0.15 -8.76 -19.97
N PRO B 95 -1.19 -8.69 -20.09
CA PRO B 95 -1.78 -7.73 -21.04
C PRO B 95 -1.34 -6.29 -20.78
N TRP B 96 -1.17 -5.94 -19.51
CA TRP B 96 -0.67 -4.65 -19.14
C TRP B 96 0.73 -4.41 -19.69
N ILE B 97 1.61 -5.38 -19.51
CA ILE B 97 2.99 -5.24 -19.92
C ILE B 97 3.15 -5.28 -21.44
N GLU B 98 2.36 -6.12 -22.10
CA GLU B 98 2.27 -6.10 -23.55
C GLU B 98 1.80 -4.78 -24.13
N ALA B 99 0.69 -4.24 -23.63
CA ALA B 99 0.26 -2.90 -24.08
C ALA B 99 1.38 -1.84 -23.87
N MET B 100 1.85 -1.70 -22.63
CA MET B 100 2.97 -0.81 -22.29
C MET B 100 4.27 -1.06 -23.05
N SER B 101 4.59 -2.33 -23.33
CA SER B 101 5.84 -2.70 -24.02
C SER B 101 6.11 -1.84 -25.27
N SER B 102 5.08 -1.57 -26.06
CA SER B 102 5.25 -0.77 -27.28
C SER B 102 4.99 0.74 -27.11
N SER B 103 4.43 1.14 -25.98
CA SER B 103 3.97 2.52 -25.77
C SER B 103 4.83 3.33 -24.79
N TYR B 104 5.19 2.70 -23.67
CA TYR B 104 5.93 3.37 -22.61
C TYR B 104 7.41 2.96 -22.65
N THR B 105 8.06 3.17 -23.80
CA THR B 105 9.46 2.74 -23.98
C THR B 105 10.40 3.22 -22.85
N TRP B 106 10.11 4.40 -22.29
CA TRP B 106 10.84 5.05 -21.19
C TRP B 106 10.40 4.68 -19.73
N LEU B 107 9.57 3.65 -19.56
CA LEU B 107 9.02 3.33 -18.27
C LEU B 107 10.13 2.96 -17.32
N GLU B 108 10.03 3.43 -16.07
CA GLU B 108 11.05 3.15 -15.06
C GLU B 108 10.61 2.27 -13.89
N GLU B 109 9.35 2.33 -13.51
CA GLU B 109 8.84 1.62 -12.34
C GLU B 109 7.55 0.84 -12.60
N ILE B 110 7.51 -0.38 -12.09
CA ILE B 110 6.32 -1.24 -12.10
C ILE B 110 6.13 -1.74 -10.68
N ARG B 111 5.02 -1.38 -10.07
CA ARG B 111 4.71 -1.90 -8.75
C ARG B 111 3.40 -2.64 -8.83
N LEU B 112 3.44 -3.95 -8.50
CA LEU B 112 2.27 -4.84 -8.61
C LEU B 112 1.91 -5.40 -7.22
N LYS B 113 0.61 -5.56 -6.96
CA LYS B 113 0.17 -6.12 -5.73
C LYS B 113 -0.91 -7.17 -6.04
N ARG B 114 -0.69 -8.41 -5.59
CA ARG B 114 -1.58 -9.55 -5.82
C ARG B 114 -1.93 -9.74 -7.29
N MET B 115 -0.94 -9.70 -8.16
CA MET B 115 -1.15 -9.98 -9.57
C MET B 115 -0.55 -11.34 -9.87
N VAL B 116 -0.92 -11.92 -10.98
CA VAL B 116 -0.23 -13.12 -11.48
C VAL B 116 0.81 -12.60 -12.47
N VAL B 117 2.10 -12.83 -12.17
CA VAL B 117 3.22 -12.36 -12.98
C VAL B 117 3.98 -13.62 -13.38
N THR B 118 4.26 -13.81 -14.67
CA THR B 118 4.85 -15.08 -15.13
C THR B 118 6.27 -14.76 -15.62
N ASP B 119 7.07 -15.77 -15.93
CA ASP B 119 8.41 -15.51 -16.45
C ASP B 119 8.39 -14.77 -17.79
N ASP B 120 7.37 -15.03 -18.62
CA ASP B 120 7.12 -14.24 -19.83
C ASP B 120 6.94 -12.77 -19.61
N CYS B 121 6.18 -12.42 -18.56
CA CYS B 121 6.05 -11.03 -18.12
C CYS B 121 7.42 -10.42 -17.83
N LEU B 122 8.22 -11.16 -17.05
CA LEU B 122 9.49 -10.65 -16.58
C LEU B 122 10.46 -10.48 -17.73
N GLU B 123 10.48 -11.44 -18.65
CA GLU B 123 11.34 -11.32 -19.83
C GLU B 123 10.97 -10.17 -20.72
N LEU B 124 9.67 -9.89 -20.83
CA LEU B 124 9.16 -8.82 -21.69
C LEU B 124 9.51 -7.46 -21.08
N ILE B 125 9.35 -7.37 -19.77
CA ILE B 125 9.77 -6.20 -19.01
C ILE B 125 11.24 -5.93 -19.28
N ALA B 126 12.07 -6.94 -19.01
CA ALA B 126 13.54 -6.84 -19.16
C ALA B 126 13.92 -6.32 -20.53
N LYS B 127 13.23 -6.81 -21.54
CA LYS B 127 13.62 -6.52 -22.90
C LYS B 127 13.05 -5.22 -23.51
N SER B 128 11.89 -4.75 -23.05
CA SER B 128 11.23 -3.52 -23.60
C SER B 128 11.64 -2.20 -22.95
N PHE B 129 11.99 -2.27 -21.66
CA PHE B 129 12.23 -1.07 -20.83
C PHE B 129 13.69 -0.96 -20.44
N LYS B 130 14.42 -0.24 -21.29
CA LYS B 130 15.84 0.03 -21.10
C LYS B 130 16.19 0.80 -19.85
N ASN B 131 15.35 1.77 -19.48
CA ASN B 131 15.56 2.60 -18.29
C ASN B 131 14.94 2.06 -17.02
N PHE B 132 14.63 0.76 -17.02
CA PHE B 132 13.86 0.14 -15.95
C PHE B 132 14.71 0.11 -14.67
N LYS B 133 14.12 0.64 -13.61
CA LYS B 133 14.80 0.86 -12.35
C LYS B 133 14.16 0.18 -11.13
N VAL B 134 12.83 -0.05 -11.14
CA VAL B 134 12.09 -0.42 -9.92
C VAL B 134 11.06 -1.49 -10.19
N LEU B 135 11.26 -2.68 -9.60
CA LEU B 135 10.28 -3.74 -9.71
C LEU B 135 9.86 -4.18 -8.30
N VAL B 136 8.64 -3.83 -7.89
CA VAL B 136 8.05 -4.31 -6.63
C VAL B 136 6.95 -5.34 -6.96
N LEU B 137 7.13 -6.55 -6.43
CA LEU B 137 6.17 -7.65 -6.59
C LEU B 137 5.67 -8.02 -5.24
N SER B 138 4.54 -7.44 -4.87
CA SER B 138 4.03 -7.57 -3.52
C SER B 138 2.86 -8.59 -3.52
N SER B 139 3.09 -9.75 -2.87
CA SER B 139 2.13 -10.83 -2.79
C SER B 139 1.67 -11.27 -4.17
N CYS B 140 2.62 -11.36 -5.11
CA CYS B 140 2.35 -11.84 -6.47
C CYS B 140 2.68 -13.36 -6.54
N GLU B 141 2.34 -14.00 -7.65
CA GLU B 141 2.63 -15.40 -7.81
C GLU B 141 2.66 -15.61 -9.31
N GLY B 142 3.16 -16.74 -9.76
CA GLY B 142 3.07 -17.12 -11.15
C GLY B 142 4.43 -17.21 -11.83
N PHE B 143 5.48 -16.74 -11.15
CA PHE B 143 6.81 -16.74 -11.75
C PHE B 143 7.85 -17.59 -10.97
N SER B 144 9.03 -17.73 -11.55
CA SER B 144 10.06 -18.56 -10.98
C SER B 144 11.36 -17.76 -10.95
N THR B 145 12.41 -18.35 -10.37
CA THR B 145 13.74 -17.75 -10.38
C THR B 145 14.37 -17.56 -11.77
N ASP B 146 13.88 -18.34 -12.75
CA ASP B 146 14.25 -18.12 -14.15
C ASP B 146 13.88 -16.71 -14.65
N GLY B 147 12.69 -16.26 -14.28
CA GLY B 147 12.20 -14.94 -14.65
C GLY B 147 13.04 -13.92 -13.89
N LEU B 148 13.40 -14.24 -12.65
CA LEU B 148 14.30 -13.38 -11.87
C LEU B 148 15.65 -13.26 -12.56
N ALA B 149 16.11 -14.39 -13.12
CA ALA B 149 17.39 -14.46 -13.88
C ALA B 149 17.43 -13.50 -15.09
N ALA B 150 16.34 -13.46 -15.86
CA ALA B 150 16.18 -12.51 -16.98
C ALA B 150 16.29 -11.06 -16.57
N ILE B 151 15.65 -10.67 -15.46
CA ILE B 151 15.77 -9.29 -14.92
C ILE B 151 17.22 -8.99 -14.50
N ALA B 152 17.86 -9.97 -13.83
CA ALA B 152 19.22 -9.74 -13.29
C ALA B 152 20.22 -9.58 -14.45
N ALA B 153 20.11 -10.43 -15.46
CA ALA B 153 20.99 -10.38 -16.65
C ALA B 153 20.84 -9.12 -17.48
N THR B 154 19.60 -8.60 -17.61
CA THR B 154 19.30 -7.59 -18.63
C THR B 154 19.07 -6.16 -18.12
N CYS B 155 18.45 -6.01 -16.94
CA CYS B 155 18.10 -4.65 -16.49
C CYS B 155 19.29 -3.86 -15.96
N ARG B 156 20.01 -3.21 -16.87
CA ARG B 156 21.34 -2.68 -16.58
C ARG B 156 21.25 -1.53 -15.58
N ASN B 157 20.04 -0.99 -15.45
CA ASN B 157 19.81 0.25 -14.69
C ASN B 157 19.06 0.03 -13.39
N LEU B 158 18.81 -1.24 -13.11
CA LEU B 158 17.94 -1.63 -12.01
C LEU B 158 18.43 -1.10 -10.65
N LYS B 159 17.52 -0.43 -9.93
CA LYS B 159 17.72 0.12 -8.60
C LYS B 159 16.96 -0.67 -7.47
N GLU B 160 15.79 -1.22 -7.78
CA GLU B 160 15.02 -2.02 -6.78
C GLU B 160 14.48 -3.30 -7.34
N LEU B 161 14.70 -4.38 -6.60
CA LEU B 161 14.07 -5.62 -6.89
C LEU B 161 13.46 -6.07 -5.54
N ASP B 162 12.16 -5.84 -5.38
CA ASP B 162 11.55 -6.03 -4.09
C ASP B 162 10.42 -7.11 -4.16
N LEU B 163 10.62 -8.25 -3.53
CA LEU B 163 9.73 -9.38 -3.79
C LEU B 163 8.78 -9.72 -2.65
N ARG B 164 8.55 -8.77 -1.74
CA ARG B 164 7.75 -9.02 -0.53
C ARG B 164 6.54 -9.97 -0.63
N GLU B 165 6.57 -11.01 0.21
CA GLU B 165 5.51 -12.02 0.32
C GLU B 165 5.03 -12.67 -0.97
N SER B 166 5.81 -12.61 -2.02
CA SER B 166 5.45 -13.34 -3.23
C SER B 166 5.69 -14.83 -3.06
N ASP B 167 4.91 -15.58 -3.84
CA ASP B 167 5.08 -17.02 -4.08
C ASP B 167 5.93 -17.20 -5.36
N VAL B 168 7.21 -17.47 -5.18
CA VAL B 168 8.09 -17.71 -6.31
C VAL B 168 8.34 -19.22 -6.48
N ASP B 169 8.32 -19.68 -7.73
CA ASP B 169 8.69 -21.07 -8.04
C ASP B 169 10.20 -21.19 -7.84
N ASP B 170 10.62 -21.78 -6.73
CA ASP B 170 12.06 -21.67 -6.35
C ASP B 170 12.87 -22.73 -7.09
N VAL B 171 13.08 -22.51 -8.40
CA VAL B 171 13.82 -23.45 -9.25
C VAL B 171 15.30 -23.56 -8.81
N SER B 172 15.99 -22.43 -8.63
CA SER B 172 17.34 -22.44 -8.06
C SER B 172 17.85 -21.06 -7.73
N GLY B 173 18.73 -20.98 -6.73
CA GLY B 173 19.31 -19.72 -6.31
C GLY B 173 20.35 -19.11 -7.24
N HIS B 174 20.57 -19.77 -8.37
CA HIS B 174 21.54 -19.31 -9.43
C HIS B 174 21.22 -17.99 -10.14
N TRP B 175 19.95 -17.57 -10.13
CA TRP B 175 19.51 -16.34 -10.82
C TRP B 175 20.31 -15.11 -10.43
N LEU B 176 20.73 -15.04 -9.17
CA LEU B 176 21.39 -13.81 -8.65
C LEU B 176 22.79 -13.59 -9.27
N SER B 177 23.39 -14.67 -9.73
CA SER B 177 24.74 -14.61 -10.19
C SER B 177 24.74 -14.19 -11.66
N HIS B 178 23.53 -14.01 -12.24
CA HIS B 178 23.32 -13.35 -13.56
C HIS B 178 23.45 -11.80 -13.61
N PHE B 179 23.35 -11.11 -12.49
CA PHE B 179 23.76 -9.69 -12.46
C PHE B 179 25.20 -9.65 -12.92
N PRO B 180 25.50 -8.90 -14.01
CA PRO B 180 26.89 -8.80 -14.45
C PRO B 180 27.80 -7.95 -13.54
N ASP B 181 29.10 -8.09 -13.74
CA ASP B 181 30.10 -7.37 -12.95
C ASP B 181 30.10 -5.86 -13.18
N THR B 182 29.57 -5.44 -14.33
CA THR B 182 29.40 -4.03 -14.63
C THR B 182 28.19 -3.45 -13.90
N TYR B 183 27.36 -4.30 -13.27
CA TYR B 183 26.17 -3.81 -12.62
C TYR B 183 26.50 -3.34 -11.20
N THR B 184 26.13 -2.09 -10.90
CA THR B 184 26.46 -1.48 -9.60
C THR B 184 25.33 -0.59 -9.07
N SER B 185 24.16 -0.61 -9.71
CA SER B 185 23.19 0.44 -9.40
C SER B 185 22.14 0.10 -8.33
N LEU B 186 22.28 -1.08 -7.70
CA LEU B 186 21.27 -1.60 -6.75
C LEU B 186 21.18 -0.81 -5.47
N VAL B 187 19.95 -0.50 -5.08
CA VAL B 187 19.65 0.36 -3.93
C VAL B 187 18.84 -0.47 -2.91
N SER B 188 17.97 -1.34 -3.40
CA SER B 188 17.06 -2.06 -2.54
C SER B 188 16.83 -3.44 -3.09
N LEU B 189 17.16 -4.47 -2.29
CA LEU B 189 16.97 -5.88 -2.63
C LEU B 189 16.17 -6.60 -1.50
N ASN B 190 15.00 -7.15 -1.82
CA ASN B 190 14.24 -7.91 -0.84
C ASN B 190 13.99 -9.23 -1.51
N ILE B 191 14.78 -10.20 -1.10
CA ILE B 191 14.65 -11.58 -1.51
C ILE B 191 14.08 -12.47 -0.35
N SER B 192 13.45 -11.84 0.66
CA SER B 192 13.05 -12.59 1.85
C SER B 192 12.08 -13.76 1.66
N CYS B 193 11.34 -13.78 0.55
CA CYS B 193 10.35 -14.82 0.29
C CYS B 193 10.96 -15.99 -0.45
N LEU B 194 12.24 -15.89 -0.86
CA LEU B 194 12.86 -16.96 -1.62
C LEU B 194 13.40 -18.07 -0.70
N ALA B 195 13.02 -19.30 -1.01
CA ALA B 195 13.42 -20.48 -0.26
C ALA B 195 14.76 -21.01 -0.78
N SER B 196 15.08 -20.71 -2.04
CA SER B 196 16.27 -21.28 -2.66
C SER B 196 17.46 -20.42 -2.28
N GLU B 197 18.60 -21.06 -1.99
CA GLU B 197 19.80 -20.42 -1.55
C GLU B 197 20.52 -19.81 -2.72
N VAL B 198 20.81 -18.55 -2.55
CA VAL B 198 21.55 -17.74 -3.52
C VAL B 198 23.05 -18.10 -3.33
N SER B 199 23.86 -17.96 -4.39
CA SER B 199 25.29 -18.15 -4.30
C SER B 199 25.84 -17.09 -3.31
N PHE B 200 26.39 -17.52 -2.18
CA PHE B 200 26.84 -16.53 -1.25
C PHE B 200 27.95 -15.61 -1.77
N SER B 201 28.92 -16.13 -2.52
CA SER B 201 29.95 -15.21 -3.04
C SER B 201 29.47 -14.28 -4.14
N ALA B 202 28.48 -14.71 -4.93
CA ALA B 202 27.85 -13.83 -5.91
C ALA B 202 27.20 -12.66 -5.18
N LEU B 203 26.45 -12.97 -4.12
CA LEU B 203 25.81 -11.98 -3.24
C LEU B 203 26.80 -11.03 -2.60
N GLU B 204 27.86 -11.58 -2.01
CA GLU B 204 28.85 -10.75 -1.38
C GLU B 204 29.50 -9.79 -2.40
N ARG B 205 29.80 -10.30 -3.61
CA ARG B 205 30.41 -9.47 -4.69
C ARG B 205 29.45 -8.39 -5.21
N LEU B 206 28.16 -8.73 -5.27
CA LEU B 206 27.09 -7.75 -5.56
C LEU B 206 26.97 -6.64 -4.49
N VAL B 207 26.79 -7.00 -3.23
CA VAL B 207 26.85 -5.99 -2.16
C VAL B 207 28.09 -5.11 -2.25
N THR B 208 29.28 -5.69 -2.44
CA THR B 208 30.52 -4.89 -2.49
C THR B 208 30.52 -3.83 -3.61
N ARG B 209 30.07 -4.22 -4.81
CA ARG B 209 30.17 -3.36 -6.02
C ARG B 209 29.02 -2.34 -6.19
N CYS B 210 28.08 -2.35 -5.24
CA CYS B 210 26.88 -1.52 -5.22
C CYS B 210 26.90 -0.52 -4.05
N PRO B 211 27.52 0.68 -4.22
CA PRO B 211 27.70 1.68 -3.13
C PRO B 211 26.43 2.44 -2.72
N ASN B 212 25.37 2.34 -3.52
CA ASN B 212 24.14 3.02 -3.20
C ASN B 212 23.10 2.14 -2.56
N LEU B 213 23.49 0.90 -2.24
CA LEU B 213 22.62 -0.07 -1.59
C LEU B 213 22.23 0.39 -0.18
N LYS B 214 20.91 0.55 0.02
CA LYS B 214 20.41 1.14 1.24
C LYS B 214 19.49 0.18 1.97
N SER B 215 18.97 -0.84 1.28
CA SER B 215 18.02 -1.74 1.94
C SER B 215 18.32 -3.15 1.50
N LEU B 216 18.65 -4.04 2.44
CA LEU B 216 18.98 -5.35 2.04
C LEU B 216 18.25 -6.31 2.92
N LYS B 217 17.37 -7.09 2.27
CA LYS B 217 16.51 -8.03 2.99
C LYS B 217 16.72 -9.42 2.48
N LEU B 218 17.35 -10.24 3.29
CA LEU B 218 17.91 -11.50 2.87
C LEU B 218 16.91 -12.66 3.01
N ASN B 219 17.26 -13.81 2.47
CA ASN B 219 16.45 -14.99 2.75
C ASN B 219 17.02 -15.83 3.91
N ARG B 220 16.22 -16.75 4.39
CA ARG B 220 16.59 -17.53 5.55
C ARG B 220 17.84 -18.34 5.30
N ALA B 221 18.11 -18.65 4.04
CA ALA B 221 19.24 -19.50 3.62
C ALA B 221 20.63 -18.82 3.76
N VAL B 222 20.66 -17.52 4.07
CA VAL B 222 21.94 -16.83 4.39
C VAL B 222 22.13 -17.06 5.90
N PRO B 223 23.13 -17.85 6.32
CA PRO B 223 23.11 -18.16 7.74
C PRO B 223 23.70 -17.00 8.57
N LEU B 224 23.36 -16.97 9.87
CA LEU B 224 23.84 -15.94 10.79
C LEU B 224 25.35 -15.67 10.72
N GLU B 225 26.15 -16.73 10.62
CA GLU B 225 27.63 -16.61 10.57
C GLU B 225 28.17 -15.88 9.35
N LYS B 226 27.38 -15.78 8.30
CA LYS B 226 27.76 -15.05 7.09
C LYS B 226 27.27 -13.59 7.11
N LEU B 227 26.42 -13.24 8.05
CA LEU B 227 25.82 -11.90 8.06
C LEU B 227 26.87 -10.78 8.23
N ALA B 228 27.80 -10.94 9.17
CA ALA B 228 28.80 -9.93 9.44
C ALA B 228 29.61 -9.57 8.18
N THR B 229 29.96 -10.59 7.40
CA THR B 229 30.68 -10.43 6.11
C THR B 229 29.95 -9.51 5.16
N LEU B 230 28.62 -9.64 5.05
CA LEU B 230 27.84 -8.75 4.17
C LEU B 230 27.77 -7.36 4.75
N LEU B 231 27.52 -7.25 6.04
CA LEU B 231 27.42 -5.95 6.65
C LEU B 231 28.71 -5.15 6.51
N GLN B 232 29.87 -5.82 6.62
CA GLN B 232 31.14 -5.09 6.47
C GLN B 232 31.28 -4.46 5.05
N ARG B 233 30.53 -5.01 4.11
CA ARG B 233 30.58 -4.57 2.70
C ARG B 233 29.56 -3.46 2.46
N ALA B 234 28.61 -3.29 3.37
CA ALA B 234 27.57 -2.30 3.17
C ALA B 234 27.35 -1.49 4.44
N PRO B 235 28.35 -0.66 4.85
CA PRO B 235 28.13 0.06 6.12
C PRO B 235 27.12 1.21 6.02
N GLN B 236 26.71 1.57 4.81
CA GLN B 236 25.75 2.65 4.54
C GLN B 236 24.26 2.16 4.62
N LEU B 237 24.04 0.89 4.97
CA LEU B 237 22.69 0.29 4.99
C LEU B 237 21.71 1.04 5.95
N GLU B 238 20.51 1.42 5.46
CA GLU B 238 19.42 1.93 6.35
C GLU B 238 18.42 0.86 6.81
N GLU B 239 18.32 -0.23 6.07
CA GLU B 239 17.40 -1.29 6.43
C GLU B 239 18.10 -2.57 6.23
N LEU B 240 17.94 -3.46 7.19
CA LEU B 240 18.48 -4.79 7.03
C LEU B 240 17.43 -5.78 7.43
N GLY B 241 17.18 -6.75 6.57
CA GLY B 241 16.49 -7.95 7.00
C GLY B 241 17.52 -9.07 7.05
N THR B 242 17.71 -9.68 8.23
CA THR B 242 18.76 -10.71 8.39
C THR B 242 18.28 -11.94 7.62
N GLY B 243 19.19 -12.93 7.43
CA GLY B 243 18.82 -14.26 6.97
C GLY B 243 18.49 -15.03 8.24
N GLY B 244 18.82 -16.32 8.29
CA GLY B 244 18.74 -17.13 9.50
C GLY B 244 19.47 -16.48 10.66
N TYR B 245 18.93 -16.68 11.85
CA TYR B 245 19.47 -16.03 13.03
C TYR B 245 19.85 -17.01 14.11
N THR B 246 20.40 -18.14 13.68
CA THR B 246 20.76 -19.25 14.55
C THR B 246 22.19 -19.71 14.25
N ALA B 247 22.89 -20.12 15.31
CA ALA B 247 24.30 -20.53 15.25
C ALA B 247 24.60 -21.15 16.58
N GLU B 248 25.64 -21.96 16.59
CA GLU B 248 26.35 -22.30 17.79
C GLU B 248 26.72 -20.99 18.50
N VAL B 249 26.47 -20.94 19.80
CA VAL B 249 26.82 -19.80 20.61
C VAL B 249 28.35 -19.71 20.83
N ARG B 250 28.99 -18.72 20.19
CA ARG B 250 30.44 -18.57 20.24
C ARG B 250 30.81 -17.09 20.41
N PRO B 251 31.78 -16.76 21.32
CA PRO B 251 32.31 -15.40 21.43
C PRO B 251 32.71 -14.75 20.11
N ASP B 252 33.50 -15.43 19.27
CA ASP B 252 34.02 -14.84 18.03
C ASP B 252 32.93 -14.53 17.03
N VAL B 253 31.91 -15.40 16.98
CA VAL B 253 30.72 -15.19 16.12
C VAL B 253 29.88 -14.02 16.64
N TYR B 254 29.56 -14.02 17.93
CA TYR B 254 28.80 -12.91 18.50
C TYR B 254 29.54 -11.55 18.30
N SER B 255 30.83 -11.52 18.55
CA SER B 255 31.53 -10.25 18.46
C SER B 255 31.77 -9.75 17.01
N GLY B 256 32.03 -10.65 16.06
CA GLY B 256 32.04 -10.27 14.64
C GLY B 256 30.74 -9.59 14.21
N LEU B 257 29.62 -10.16 14.65
CA LEU B 257 28.29 -9.61 14.36
C LEU B 257 28.08 -8.24 15.02
N SER B 258 28.40 -8.16 16.31
CA SER B 258 28.32 -6.92 17.07
C SER B 258 29.03 -5.76 16.40
N VAL B 259 30.29 -5.97 16.03
CA VAL B 259 31.13 -4.92 15.40
C VAL B 259 30.59 -4.48 14.04
N ALA B 260 30.18 -5.46 13.22
CA ALA B 260 29.69 -5.20 11.85
C ALA B 260 28.42 -4.34 11.87
N LEU B 261 27.51 -4.65 12.79
CA LEU B 261 26.22 -3.95 12.96
C LEU B 261 26.40 -2.54 13.52
N SER B 262 27.33 -2.39 14.46
CA SER B 262 27.62 -1.10 15.02
C SER B 262 28.45 -0.25 14.07
N GLY B 263 29.08 -0.85 13.07
CA GLY B 263 29.65 -0.12 11.94
C GLY B 263 28.59 0.37 10.93
N CYS B 264 27.34 -0.10 11.05
CA CYS B 264 26.23 0.43 10.22
C CYS B 264 25.47 1.52 10.96
N LYS B 265 26.00 2.77 10.87
CA LYS B 265 25.53 3.94 11.60
C LYS B 265 24.22 4.50 11.09
N GLU B 266 23.86 4.13 9.85
CA GLU B 266 22.64 4.64 9.23
C GLU B 266 21.42 3.71 9.40
N LEU B 267 21.60 2.54 10.00
CA LEU B 267 20.57 1.53 10.17
C LEU B 267 19.39 2.01 11.00
N ARG B 268 18.21 1.99 10.39
CA ARG B 268 16.97 2.40 11.06
C ARG B 268 15.94 1.25 11.16
N CYS B 269 16.05 0.25 10.29
CA CYS B 269 15.01 -0.79 10.17
C CYS B 269 15.59 -2.19 10.17
N LEU B 270 15.07 -3.02 11.08
CA LEU B 270 15.56 -4.39 11.22
C LEU B 270 14.43 -5.38 11.17
N SER B 271 14.68 -6.49 10.47
CA SER B 271 13.71 -7.53 10.28
C SER B 271 14.42 -8.88 10.04
N GLY B 272 13.66 -9.97 9.91
CA GLY B 272 14.22 -11.29 9.56
C GLY B 272 14.15 -12.14 10.78
N PHE B 273 15.30 -12.43 11.37
CA PHE B 273 15.32 -13.03 12.71
C PHE B 273 14.74 -14.44 12.75
N TRP B 274 14.64 -15.14 11.59
CA TRP B 274 14.17 -16.54 11.57
C TRP B 274 15.00 -17.48 12.46
N ASP B 275 14.31 -18.27 13.25
CA ASP B 275 15.00 -19.28 14.11
C ASP B 275 15.82 -18.56 15.18
N ALA B 276 15.48 -17.32 15.51
CA ALA B 276 16.34 -16.47 16.33
C ALA B 276 16.68 -17.09 17.68
N VAL B 277 17.99 -17.16 17.98
CA VAL B 277 18.38 -17.63 19.32
C VAL B 277 18.66 -16.42 20.21
N PRO B 278 18.10 -16.45 21.44
CA PRO B 278 18.17 -15.33 22.38
C PRO B 278 19.61 -14.87 22.63
N ALA B 279 20.57 -15.81 22.70
CA ALA B 279 21.99 -15.50 22.85
C ALA B 279 22.59 -14.55 21.81
N TYR B 280 22.03 -14.51 20.58
CA TYR B 280 22.55 -13.64 19.54
C TYR B 280 21.74 -12.36 19.26
N LEU B 281 20.59 -12.21 19.91
CA LEU B 281 19.86 -10.96 19.78
C LEU B 281 20.63 -9.69 20.19
N PRO B 282 21.40 -9.71 21.33
CA PRO B 282 22.19 -8.52 21.79
C PRO B 282 23.19 -7.83 20.81
N ALA B 283 23.81 -8.58 19.90
CA ALA B 283 24.61 -8.02 18.80
C ALA B 283 23.92 -6.82 18.12
N VAL B 284 22.59 -6.85 18.16
CA VAL B 284 21.73 -5.87 17.56
C VAL B 284 21.58 -4.56 18.42
N TYR B 285 22.20 -4.53 19.59
CA TYR B 285 21.97 -3.48 20.60
C TYR B 285 22.51 -2.07 20.29
N SER B 286 23.64 -1.97 19.63
CA SER B 286 24.24 -0.65 19.23
C SER B 286 23.37 0.15 18.22
N VAL B 287 22.58 -0.60 17.49
CA VAL B 287 21.72 -0.13 16.46
C VAL B 287 20.42 0.34 17.11
N CYS B 288 20.10 -0.26 18.26
CA CYS B 288 18.81 -0.11 18.90
C CYS B 288 18.29 1.27 19.13
N SER B 289 19.18 2.16 19.54
CA SER B 289 18.88 3.52 19.92
C SER B 289 18.44 4.40 18.77
N ARG B 290 18.80 4.06 17.55
CA ARG B 290 18.34 4.82 16.40
C ARG B 290 17.24 4.13 15.58
N LEU B 291 16.89 2.89 15.93
CA LEU B 291 15.91 2.13 15.16
C LEU B 291 14.53 2.75 15.19
N THR B 292 13.92 2.89 14.02
CA THR B 292 12.51 3.33 13.90
C THR B 292 11.51 2.20 13.54
N THR B 293 11.98 1.17 12.84
CA THR B 293 11.20 -0.07 12.61
C THR B 293 11.90 -1.35 13.07
N LEU B 294 11.14 -2.16 13.80
CA LEU B 294 11.55 -3.51 14.21
C LEU B 294 10.48 -4.47 13.84
N ASN B 295 10.86 -5.48 13.05
CA ASN B 295 9.95 -6.55 12.75
C ASN B 295 10.48 -7.87 13.36
N LEU B 296 9.94 -8.17 14.53
CA LEU B 296 10.28 -9.41 15.24
C LEU B 296 9.22 -10.54 15.10
N SER B 297 8.39 -10.43 14.04
CA SER B 297 7.35 -11.44 13.69
C SER B 297 7.75 -12.89 13.49
N TYR B 298 8.96 -13.14 12.99
CA TYR B 298 9.42 -14.52 12.83
C TYR B 298 10.22 -15.07 14.01
N ALA B 299 10.52 -14.23 14.98
CA ALA B 299 11.33 -14.56 16.13
C ALA B 299 10.44 -15.19 17.19
N THR B 300 10.62 -16.46 17.51
CA THR B 300 9.74 -17.02 18.54
C THR B 300 10.44 -16.99 19.92
N VAL B 301 11.13 -15.91 20.21
CA VAL B 301 11.75 -15.77 21.53
C VAL B 301 10.69 -15.22 22.53
N GLN B 302 10.98 -15.39 23.81
CA GLN B 302 9.98 -15.21 24.84
C GLN B 302 10.01 -13.78 25.33
N SER B 303 9.03 -13.45 26.17
CA SER B 303 8.73 -12.06 26.55
C SER B 303 9.91 -11.25 27.17
N TYR B 304 10.62 -11.83 28.12
CA TYR B 304 11.74 -11.09 28.76
C TYR B 304 12.85 -10.74 27.76
N ASP B 305 13.18 -11.68 26.86
CA ASP B 305 14.11 -11.40 25.76
C ASP B 305 13.68 -10.29 24.83
N LEU B 306 12.39 -10.20 24.52
CA LEU B 306 11.89 -9.12 23.68
C LEU B 306 11.98 -7.80 24.42
N VAL B 307 11.63 -7.82 25.72
CA VAL B 307 11.74 -6.67 26.61
C VAL B 307 13.18 -6.13 26.68
N LYS B 308 14.17 -7.02 26.82
CA LYS B 308 15.58 -6.54 26.86
C LYS B 308 15.95 -5.69 25.65
N LEU B 309 15.52 -6.13 24.46
CA LEU B 309 15.74 -5.41 23.19
C LEU B 309 14.98 -4.05 23.11
N LEU B 310 13.69 -4.13 23.41
CA LEU B 310 12.77 -3.02 23.32
C LEU B 310 13.07 -1.88 24.29
N CYS B 311 13.64 -2.18 25.45
CA CYS B 311 14.17 -1.15 26.36
C CYS B 311 15.22 -0.26 25.69
N GLN B 312 15.93 -0.79 24.70
CA GLN B 312 17.01 -0.01 24.03
C GLN B 312 16.51 0.86 22.85
N CYS B 313 15.18 0.95 22.63
CA CYS B 313 14.66 1.43 21.36
C CYS B 313 13.78 2.64 21.57
N PRO B 314 14.35 3.72 22.13
CA PRO B 314 13.50 4.89 22.39
C PRO B 314 12.87 5.55 21.17
N LYS B 315 13.45 5.34 19.98
CA LYS B 315 12.96 6.07 18.78
C LYS B 315 11.95 5.25 17.97
N LEU B 316 11.69 4.01 18.41
CA LEU B 316 10.85 3.08 17.67
C LEU B 316 9.47 3.70 17.33
N GLN B 317 9.07 3.54 16.07
CA GLN B 317 7.83 4.09 15.54
C GLN B 317 6.93 2.95 15.08
N ARG B 318 7.56 1.81 14.75
CA ARG B 318 6.83 0.65 14.23
C ARG B 318 7.34 -0.65 14.86
N LEU B 319 6.43 -1.37 15.50
CA LEU B 319 6.75 -2.67 16.03
C LEU B 319 5.81 -3.75 15.49
N TRP B 320 6.38 -4.75 14.85
CA TRP B 320 5.67 -5.98 14.60
C TRP B 320 6.29 -7.06 15.44
N VAL B 321 5.46 -7.70 16.29
CA VAL B 321 5.91 -8.69 17.25
C VAL B 321 4.96 -9.92 17.25
N LEU B 322 5.43 -11.10 17.67
CA LEU B 322 4.49 -12.18 18.10
C LEU B 322 3.89 -11.91 19.50
N ASP B 323 2.76 -12.54 19.81
CA ASP B 323 2.07 -12.38 21.11
C ASP B 323 2.93 -12.83 22.31
N TYR B 324 4.06 -13.48 22.02
CA TYR B 324 5.08 -13.78 23.03
C TYR B 324 5.54 -12.55 23.83
N ILE B 325 5.33 -11.38 23.25
CA ILE B 325 5.48 -10.13 23.94
C ILE B 325 4.74 -10.11 25.26
N GLU B 326 3.53 -10.66 25.24
CA GLU B 326 2.66 -10.71 26.40
C GLU B 326 2.31 -9.32 26.93
N ASP B 327 1.42 -9.27 27.91
CA ASP B 327 0.95 -8.00 28.43
C ASP B 327 2.05 -7.27 29.18
N ALA B 328 2.84 -8.01 29.93
CA ALA B 328 3.98 -7.45 30.64
C ALA B 328 4.97 -6.78 29.70
N GLY B 329 5.21 -7.37 28.52
CA GLY B 329 6.11 -6.74 27.54
C GLY B 329 5.54 -5.43 26.95
N LEU B 330 4.22 -5.43 26.71
CA LEU B 330 3.50 -4.34 26.14
C LEU B 330 3.43 -3.21 27.15
N GLU B 331 3.41 -3.57 28.42
CA GLU B 331 3.49 -2.55 29.41
C GLU B 331 4.83 -1.84 29.39
N VAL B 332 5.91 -2.57 29.06
CA VAL B 332 7.22 -1.99 28.95
C VAL B 332 7.28 -1.10 27.71
N LEU B 333 6.83 -1.63 26.57
CA LEU B 333 6.73 -0.86 25.34
C LEU B 333 6.07 0.51 25.53
N ALA B 334 4.97 0.53 26.28
CA ALA B 334 4.17 1.72 26.56
C ALA B 334 4.91 2.78 27.37
N SER B 335 5.82 2.32 28.20
CA SER B 335 6.71 3.15 28.97
C SER B 335 7.84 3.71 28.17
N THR B 336 8.49 2.83 27.42
CA THR B 336 9.76 3.17 26.81
C THR B 336 9.65 3.84 25.41
N CYS B 337 8.63 3.45 24.65
CA CYS B 337 8.52 3.85 23.25
C CYS B 337 7.47 4.94 22.99
N LYS B 338 7.72 6.16 23.49
CA LYS B 338 6.79 7.29 23.34
C LYS B 338 6.55 7.75 21.92
N ASP B 339 7.42 7.39 20.97
CA ASP B 339 7.18 7.77 19.56
C ASP B 339 6.48 6.70 18.71
N LEU B 340 6.00 5.62 19.36
CA LEU B 340 5.39 4.48 18.65
C LEU B 340 4.12 4.90 17.91
N ARG B 341 4.11 4.66 16.58
CA ARG B 341 2.96 4.98 15.71
C ARG B 341 2.17 3.73 15.34
N GLU B 342 2.84 2.59 15.29
CA GLU B 342 2.23 1.39 14.76
C GLU B 342 2.63 0.20 15.59
N LEU B 343 1.62 -0.62 15.93
CA LEU B 343 1.85 -1.88 16.64
C LEU B 343 1.05 -2.96 15.95
N ARG B 344 1.74 -4.03 15.54
CA ARG B 344 1.09 -5.26 15.11
C ARG B 344 1.58 -6.41 15.97
N VAL B 345 0.64 -7.13 16.57
CA VAL B 345 0.91 -8.30 17.45
C VAL B 345 0.22 -9.54 16.83
N PHE B 346 1.03 -10.48 16.37
CA PHE B 346 0.58 -11.64 15.63
C PHE B 346 0.46 -12.86 16.53
N PRO B 347 -0.41 -13.84 16.15
CA PRO B 347 -0.58 -15.00 17.02
C PRO B 347 0.54 -16.00 16.79
N SER B 348 1.12 -16.53 17.85
CA SER B 348 1.90 -17.73 17.76
C SER B 348 0.80 -18.77 17.97
N GLU B 349 0.94 -19.97 17.49
CA GLU B 349 -0.18 -20.96 17.78
C GLU B 349 -1.65 -20.49 17.57
N PRO B 350 -2.02 -19.96 16.38
CA PRO B 350 -3.45 -19.57 16.27
C PRO B 350 -4.46 -20.76 16.18
N PHE B 351 -3.99 -21.97 15.89
CA PHE B 351 -4.87 -23.13 15.80
C PHE B 351 -5.02 -23.86 17.15
N VAL B 352 -4.70 -23.15 18.23
CA VAL B 352 -4.94 -23.62 19.61
C VAL B 352 -5.85 -22.60 20.31
N MET B 353 -6.95 -23.09 20.90
CA MET B 353 -8.01 -22.21 21.45
C MET B 353 -7.69 -21.72 22.89
N GLU B 354 -7.13 -22.61 23.72
CA GLU B 354 -6.56 -22.18 24.99
C GLU B 354 -5.23 -21.40 24.81
N PRO B 355 -5.04 -20.32 25.59
CA PRO B 355 -3.87 -19.44 25.44
C PRO B 355 -2.54 -20.12 25.74
N ASN B 356 -1.57 -19.97 24.84
CA ASN B 356 -0.20 -20.42 25.09
C ASN B 356 0.66 -19.30 25.70
N VAL B 357 0.15 -18.07 25.62
CA VAL B 357 0.83 -16.86 26.10
C VAL B 357 -0.14 -16.04 26.95
N ALA B 358 0.37 -15.13 27.78
CA ALA B 358 -0.46 -14.26 28.62
C ALA B 358 -0.58 -12.93 27.90
N LEU B 359 -1.30 -12.93 26.78
CA LEU B 359 -1.54 -11.74 26.04
C LEU B 359 -3.04 -11.61 25.94
N THR B 360 -3.54 -10.49 26.48
CA THR B 360 -4.97 -10.22 26.63
C THR B 360 -5.30 -8.80 26.13
N GLU B 361 -6.51 -8.30 26.42
CA GLU B 361 -6.85 -6.88 26.16
C GLU B 361 -5.95 -5.87 26.86
N GLN B 362 -5.40 -6.24 28.02
CA GLN B 362 -4.70 -5.29 28.85
C GLN B 362 -3.41 -4.78 28.21
N GLY B 363 -2.76 -5.62 27.39
CA GLY B 363 -1.60 -5.23 26.64
C GLY B 363 -1.93 -4.07 25.68
N LEU B 364 -3.06 -4.16 24.98
CA LEU B 364 -3.49 -3.12 24.04
C LEU B 364 -3.90 -1.88 24.83
N VAL B 365 -4.64 -2.08 25.93
CA VAL B 365 -4.95 -0.96 26.84
C VAL B 365 -3.71 -0.13 27.32
N SER B 366 -2.67 -0.80 27.83
CA SER B 366 -1.40 -0.19 28.27
C SER B 366 -0.78 0.69 27.19
N VAL B 367 -0.62 0.11 26.01
CA VAL B 367 -0.07 0.77 24.84
C VAL B 367 -0.90 2.01 24.45
N SER B 368 -2.22 1.90 24.42
CA SER B 368 -3.11 3.05 24.11
C SER B 368 -2.98 4.20 25.12
N MET B 369 -2.78 3.87 26.38
CA MET B 369 -2.55 4.86 27.44
C MET B 369 -1.16 5.53 27.37
N GLY B 370 -0.13 4.74 27.08
CA GLY B 370 1.25 5.18 27.17
C GLY B 370 1.88 5.76 25.92
N CYS B 371 1.27 5.50 24.76
CA CYS B 371 1.88 5.87 23.50
C CYS B 371 1.02 6.88 22.78
N PRO B 372 1.25 8.19 23.04
CA PRO B 372 0.33 9.20 22.54
C PRO B 372 0.28 9.37 21.02
N LYS B 373 1.18 8.74 20.29
CA LYS B 373 1.16 8.91 18.84
C LYS B 373 0.71 7.62 18.18
N LEU B 374 0.24 6.66 18.99
CA LEU B 374 -0.19 5.36 18.45
C LEU B 374 -1.50 5.57 17.66
N GLU B 375 -1.45 5.19 16.38
CA GLU B 375 -2.59 5.47 15.49
C GLU B 375 -2.98 4.30 14.63
N SER B 376 -2.14 3.26 14.58
CA SER B 376 -2.37 2.04 13.78
C SER B 376 -2.18 0.75 14.56
N VAL B 377 -3.22 -0.06 14.65
CA VAL B 377 -3.19 -1.30 15.45
C VAL B 377 -3.64 -2.55 14.63
N LEU B 378 -2.82 -3.60 14.61
CA LEU B 378 -3.35 -4.93 14.31
C LEU B 378 -3.05 -5.83 15.54
N TYR B 379 -4.06 -6.44 16.16
CA TYR B 379 -3.87 -7.17 17.45
C TYR B 379 -4.66 -8.46 17.38
N PHE B 380 -3.96 -9.58 17.54
CA PHE B 380 -4.56 -10.90 17.67
C PHE B 380 -4.48 -11.32 19.13
N CYS B 381 -5.64 -11.58 19.73
CA CYS B 381 -5.75 -12.08 21.11
C CYS B 381 -6.94 -13.03 21.25
N ARG B 382 -7.17 -13.57 22.42
CA ARG B 382 -8.22 -14.56 22.62
C ARG B 382 -9.39 -14.04 23.39
N GLN B 383 -9.26 -12.87 24.00
CA GLN B 383 -10.33 -12.31 24.83
C GLN B 383 -10.34 -10.80 24.78
N MET B 384 -11.51 -10.22 25.03
CA MET B 384 -11.74 -8.81 24.90
C MET B 384 -12.91 -8.41 25.77
N THR B 385 -12.97 -7.14 26.14
CA THR B 385 -14.11 -6.63 26.87
C THR B 385 -14.52 -5.32 26.25
N ASN B 386 -15.78 -4.95 26.45
CA ASN B 386 -16.27 -3.65 26.02
C ASN B 386 -15.57 -2.55 26.82
N ALA B 387 -15.36 -2.79 28.11
CA ALA B 387 -14.60 -1.87 28.95
C ALA B 387 -13.21 -1.50 28.37
N ALA B 388 -12.46 -2.50 27.85
CA ALA B 388 -11.12 -2.28 27.32
C ALA B 388 -11.22 -1.46 26.03
N LEU B 389 -12.11 -1.83 25.11
CA LEU B 389 -12.33 -1.03 23.90
C LEU B 389 -12.73 0.41 24.15
N ILE B 390 -13.59 0.64 25.13
CA ILE B 390 -13.99 1.99 25.51
C ILE B 390 -12.78 2.78 26.02
N THR B 391 -11.90 2.15 26.81
CA THR B 391 -10.71 2.84 27.32
C THR B 391 -9.73 3.15 26.18
N ILE B 392 -9.61 2.26 25.22
CA ILE B 392 -8.71 2.49 24.14
C ILE B 392 -9.21 3.72 23.32
N ALA B 393 -10.51 3.74 22.99
CA ALA B 393 -11.10 4.79 22.18
C ALA B 393 -10.99 6.16 22.84
N ARG B 394 -11.24 6.21 24.15
CA ARG B 394 -11.07 7.44 24.89
C ARG B 394 -9.61 7.92 24.92
N ASN B 395 -8.67 6.99 25.12
CA ASN B 395 -7.26 7.35 25.19
C ASN B 395 -6.71 7.80 23.85
N ARG B 396 -7.12 7.11 22.79
CA ARG B 396 -6.58 7.31 21.45
C ARG B 396 -7.61 7.86 20.40
N PRO B 397 -8.13 9.08 20.64
CA PRO B 397 -9.05 9.58 19.60
C PRO B 397 -8.36 9.78 18.23
N ASN B 398 -7.04 9.77 18.24
CA ASN B 398 -6.22 9.90 17.02
C ASN B 398 -6.03 8.60 16.16
N MET B 399 -6.55 7.45 16.63
CA MET B 399 -6.46 6.17 15.89
C MET B 399 -6.96 6.33 14.45
N THR B 400 -6.16 5.85 13.49
CA THR B 400 -6.58 5.82 12.10
C THR B 400 -6.82 4.43 11.50
N ARG B 401 -6.23 3.41 12.11
CA ARG B 401 -6.40 2.03 11.59
C ARG B 401 -6.49 1.12 12.79
N PHE B 402 -7.61 0.43 12.94
CA PHE B 402 -7.79 -0.36 14.13
C PHE B 402 -8.28 -1.73 13.72
N ARG B 403 -7.45 -2.76 13.91
CA ARG B 403 -7.78 -4.06 13.37
C ARG B 403 -7.68 -5.06 14.55
N LEU B 404 -8.82 -5.62 14.96
CA LEU B 404 -8.83 -6.49 16.11
C LEU B 404 -9.37 -7.85 15.74
N CYS B 405 -8.54 -8.88 15.90
CA CYS B 405 -8.91 -10.25 15.63
C CYS B 405 -8.88 -11.11 16.89
N ILE B 406 -10.06 -11.40 17.41
CA ILE B 406 -10.22 -12.34 18.52
C ILE B 406 -10.26 -13.70 17.89
N ILE B 407 -9.37 -14.60 18.32
CA ILE B 407 -9.20 -15.90 17.68
C ILE B 407 -10.50 -16.76 17.58
N GLU B 408 -11.29 -16.81 18.65
CA GLU B 408 -12.55 -17.53 18.61
C GLU B 408 -13.66 -16.68 17.96
N PRO B 409 -14.20 -17.14 16.80
CA PRO B 409 -15.38 -16.44 16.24
C PRO B 409 -16.45 -16.33 17.33
N LYS B 410 -16.98 -15.13 17.40
CA LYS B 410 -18.19 -14.85 18.10
C LYS B 410 -18.00 -14.84 19.59
N ALA B 411 -16.76 -14.76 20.07
CA ALA B 411 -16.48 -14.61 21.49
C ALA B 411 -17.10 -13.30 21.99
N PRO B 412 -17.93 -13.36 23.04
CA PRO B 412 -18.53 -12.16 23.68
C PRO B 412 -17.51 -11.46 24.63
N ASP B 413 -17.85 -10.31 25.18
CA ASP B 413 -17.10 -9.74 26.30
C ASP B 413 -16.94 -10.87 27.31
N TYR B 414 -15.73 -11.14 27.75
CA TYR B 414 -15.53 -12.32 28.60
C TYR B 414 -15.96 -12.07 30.05
N LEU B 415 -16.16 -10.81 30.45
CA LEU B 415 -16.60 -10.53 31.82
C LEU B 415 -18.09 -10.37 31.90
N THR B 416 -18.75 -9.85 30.84
CA THR B 416 -20.17 -9.55 30.93
C THR B 416 -20.96 -10.49 30.01
N LEU B 417 -20.30 -11.05 28.98
CA LEU B 417 -20.92 -11.99 28.05
C LEU B 417 -21.81 -11.27 27.03
N GLU B 418 -21.78 -9.95 27.07
CA GLU B 418 -22.39 -9.08 26.08
C GLU B 418 -21.64 -9.04 24.74
N PRO B 419 -22.38 -8.72 23.66
CA PRO B 419 -21.63 -8.58 22.38
C PRO B 419 -20.68 -7.39 22.52
N LEU B 420 -19.69 -7.30 21.64
CA LEU B 420 -18.75 -6.16 21.66
C LEU B 420 -19.22 -4.89 20.88
N ASP B 421 -20.51 -4.84 20.56
CA ASP B 421 -21.18 -3.68 19.88
C ASP B 421 -20.74 -2.32 20.44
N ILE B 422 -20.88 -2.20 21.76
CA ILE B 422 -20.58 -0.98 22.51
C ILE B 422 -19.09 -0.54 22.50
N GLY B 423 -18.19 -1.52 22.51
CA GLY B 423 -16.76 -1.22 22.55
C GLY B 423 -16.33 -0.71 21.19
N PHE B 424 -16.70 -1.43 20.14
CA PHE B 424 -16.44 -0.93 18.79
C PHE B 424 -17.23 0.34 18.45
N GLY B 425 -18.42 0.50 19.03
CA GLY B 425 -19.22 1.73 18.88
C GLY B 425 -18.41 2.91 19.36
N ALA B 426 -17.83 2.78 20.56
CA ALA B 426 -16.88 3.75 21.16
C ALA B 426 -15.67 4.05 20.29
N ILE B 427 -15.06 3.04 19.69
CA ILE B 427 -13.98 3.28 18.71
C ILE B 427 -14.41 4.20 17.56
N VAL B 428 -15.57 3.94 16.94
CA VAL B 428 -15.96 4.71 15.74
C VAL B 428 -16.51 6.06 16.15
N GLU B 429 -17.03 6.13 17.38
CA GLU B 429 -17.54 7.37 17.94
C GLU B 429 -16.40 8.32 18.31
N HIS B 430 -15.38 7.83 19.00
CA HIS B 430 -14.30 8.70 19.47
C HIS B 430 -13.16 8.88 18.47
N CYS B 431 -12.98 7.95 17.55
CA CYS B 431 -11.89 8.07 16.62
C CYS B 431 -12.44 8.60 15.32
N LYS B 432 -12.50 9.92 15.21
CA LYS B 432 -13.18 10.56 14.09
C LYS B 432 -12.46 10.39 12.78
N ASP B 433 -11.15 10.13 12.80
CA ASP B 433 -10.39 10.02 11.55
C ASP B 433 -10.04 8.58 11.26
N LEU B 434 -10.77 7.68 11.89
CA LEU B 434 -10.60 6.26 11.66
C LEU B 434 -10.92 5.93 10.19
N ARG B 435 -9.89 5.47 9.47
CA ARG B 435 -10.01 5.18 8.02
C ARG B 435 -10.09 3.68 7.74
N ARG B 436 -9.76 2.86 8.73
CA ARG B 436 -9.80 1.41 8.55
C ARG B 436 -10.20 0.68 9.81
N LEU B 437 -11.07 -0.29 9.66
CA LEU B 437 -11.57 -1.09 10.75
C LEU B 437 -11.71 -2.51 10.30
N SER B 438 -11.24 -3.42 11.14
CA SER B 438 -11.76 -4.76 11.13
C SER B 438 -12.26 -5.25 12.47
N LEU B 439 -13.28 -6.10 12.42
CA LEU B 439 -14.12 -6.42 13.57
C LEU B 439 -13.92 -7.88 13.96
N SER B 440 -14.25 -8.20 15.21
CA SER B 440 -14.50 -9.58 15.56
C SER B 440 -15.14 -9.68 16.96
N GLY B 441 -15.28 -10.91 17.46
CA GLY B 441 -16.08 -11.18 18.66
C GLY B 441 -17.57 -11.17 18.34
N LEU B 442 -18.38 -11.29 19.38
CA LEU B 442 -19.82 -11.43 19.16
C LEU B 442 -20.35 -10.05 18.80
N LEU B 443 -21.05 -9.93 17.68
CA LEU B 443 -21.55 -8.66 17.21
C LEU B 443 -22.97 -8.82 16.62
N THR B 444 -23.85 -7.88 16.98
CA THR B 444 -25.19 -7.89 16.46
C THR B 444 -25.28 -6.77 15.42
N ASP B 445 -26.48 -6.56 14.86
CA ASP B 445 -26.75 -5.46 13.90
C ASP B 445 -26.46 -4.09 14.48
N LYS B 446 -26.58 -3.97 15.81
CA LYS B 446 -26.28 -2.72 16.52
C LYS B 446 -24.87 -2.10 16.30
N VAL B 447 -23.82 -2.92 16.22
CA VAL B 447 -22.47 -2.42 15.89
C VAL B 447 -22.42 -1.67 14.56
N PHE B 448 -23.10 -2.24 13.58
CA PHE B 448 -23.17 -1.66 12.24
C PHE B 448 -23.96 -0.37 12.19
N GLU B 449 -24.93 -0.27 13.08
CA GLU B 449 -25.69 0.93 13.24
C GLU B 449 -24.77 2.01 13.80
N TYR B 450 -23.98 1.66 14.83
CA TYR B 450 -22.93 2.58 15.31
C TYR B 450 -21.95 3.00 14.20
N ILE B 451 -21.50 2.03 13.42
CA ILE B 451 -20.58 2.26 12.32
C ILE B 451 -21.20 3.21 11.29
N GLY B 452 -22.43 2.94 10.86
CA GLY B 452 -23.09 3.80 9.89
C GLY B 452 -23.22 5.21 10.41
N THR B 453 -23.49 5.34 11.71
CA THR B 453 -23.72 6.66 12.35
C THR B 453 -22.43 7.45 12.57
N TYR B 454 -21.35 6.77 12.92
CA TYR B 454 -20.14 7.51 13.36
C TYR B 454 -18.94 7.38 12.45
N ALA B 455 -18.83 6.28 11.74
CA ALA B 455 -17.57 6.05 11.00
C ALA B 455 -17.60 6.75 9.65
N LYS B 456 -17.67 8.08 9.71
CA LYS B 456 -17.85 8.89 8.49
C LYS B 456 -16.57 9.00 7.67
N LYS B 457 -15.43 8.64 8.26
CA LYS B 457 -14.12 8.70 7.53
C LYS B 457 -13.60 7.31 7.12
N MET B 458 -14.34 6.27 7.49
CA MET B 458 -13.88 4.96 7.30
C MET B 458 -13.86 4.64 5.81
N GLU B 459 -12.70 4.18 5.35
CA GLU B 459 -12.54 3.81 3.96
C GLU B 459 -12.55 2.32 3.75
N MET B 460 -12.12 1.55 4.75
CA MET B 460 -11.98 0.12 4.58
C MET B 460 -12.56 -0.65 5.81
N LEU B 461 -13.49 -1.60 5.58
CA LEU B 461 -14.13 -2.39 6.67
C LEU B 461 -14.10 -3.87 6.31
N SER B 462 -13.56 -4.69 7.23
CA SER B 462 -13.48 -6.14 7.09
C SER B 462 -14.33 -6.74 8.19
N VAL B 463 -15.17 -7.70 7.81
CA VAL B 463 -16.19 -8.25 8.69
C VAL B 463 -16.16 -9.76 8.51
N ALA B 464 -16.26 -10.48 9.65
CA ALA B 464 -16.34 -11.93 9.66
C ALA B 464 -17.25 -12.36 10.75
N PHE B 465 -18.13 -13.34 10.48
CA PHE B 465 -18.98 -13.91 11.57
C PHE B 465 -19.69 -12.90 12.47
N ALA B 466 -20.46 -11.98 11.90
CA ALA B 466 -20.97 -10.80 12.65
C ALA B 466 -22.33 -10.39 12.10
N GLY B 467 -23.11 -9.66 12.90
CA GLY B 467 -24.45 -9.22 12.47
C GLY B 467 -25.55 -10.26 12.58
N ASP B 468 -26.80 -9.77 12.56
CA ASP B 468 -27.98 -10.61 12.63
C ASP B 468 -28.75 -10.65 11.32
N SER B 469 -28.79 -9.57 10.57
CA SER B 469 -29.67 -9.53 9.41
C SER B 469 -29.13 -8.47 8.45
N ASP B 470 -29.83 -8.30 7.33
CA ASP B 470 -29.47 -7.32 6.30
C ASP B 470 -29.49 -5.88 6.78
N LEU B 471 -30.23 -5.60 7.85
CA LEU B 471 -30.26 -4.26 8.41
C LEU B 471 -28.84 -3.83 8.76
N GLY B 472 -28.01 -4.77 9.23
CA GLY B 472 -26.61 -4.44 9.54
C GLY B 472 -25.78 -4.00 8.34
N MET B 473 -25.81 -4.76 7.26
CA MET B 473 -25.11 -4.29 6.08
C MET B 473 -25.72 -2.99 5.56
N HIS B 474 -27.04 -2.82 5.68
CA HIS B 474 -27.71 -1.63 5.21
C HIS B 474 -27.19 -0.37 5.94
N HIS B 475 -27.06 -0.45 7.27
CA HIS B 475 -26.50 0.68 8.03
C HIS B 475 -25.18 1.20 7.47
N VAL B 476 -24.31 0.27 7.14
CA VAL B 476 -22.99 0.56 6.62
C VAL B 476 -23.03 1.22 5.24
N LEU B 477 -23.73 0.59 4.31
CA LEU B 477 -23.84 1.17 2.96
C LEU B 477 -24.56 2.50 2.97
N SER B 478 -25.52 2.62 3.88
CA SER B 478 -26.33 3.83 3.98
C SER B 478 -25.54 4.96 4.65
N GLY B 479 -24.85 4.65 5.72
CA GLY B 479 -24.20 5.69 6.53
C GLY B 479 -22.73 6.01 6.28
N CYS B 480 -22.00 5.13 5.61
CA CYS B 480 -20.53 5.23 5.64
C CYS B 480 -20.06 6.02 4.45
N ASP B 481 -20.08 7.33 4.60
CA ASP B 481 -19.77 8.32 3.53
C ASP B 481 -18.48 8.12 2.71
N SER B 482 -17.40 7.72 3.38
CA SER B 482 -16.08 7.58 2.76
C SER B 482 -15.72 6.14 2.33
N LEU B 483 -16.66 5.20 2.44
CA LEU B 483 -16.38 3.79 2.16
C LEU B 483 -15.88 3.59 0.76
N ARG B 484 -14.78 2.84 0.65
CA ARG B 484 -14.22 2.44 -0.64
C ARG B 484 -14.10 0.96 -0.76
N LYS B 485 -13.89 0.25 0.34
CA LYS B 485 -13.76 -1.24 0.30
C LYS B 485 -14.50 -1.88 1.44
N LEU B 486 -15.43 -2.81 1.13
CA LEU B 486 -16.17 -3.55 2.12
C LEU B 486 -15.90 -5.01 1.80
N GLU B 487 -15.46 -5.77 2.82
CA GLU B 487 -15.18 -7.19 2.63
C GLU B 487 -15.81 -7.93 3.78
N ILE B 488 -16.56 -8.96 3.45
CA ILE B 488 -17.43 -9.66 4.37
C ILE B 488 -17.38 -11.16 4.11
N ARG B 489 -17.23 -11.92 5.18
CA ARG B 489 -17.40 -13.36 5.12
C ARG B 489 -18.26 -13.89 6.25
N ASP B 490 -19.03 -14.93 5.96
CA ASP B 490 -19.75 -15.66 6.97
C ASP B 490 -20.65 -14.79 7.84
N CYS B 491 -21.45 -13.94 7.22
CA CYS B 491 -22.36 -13.09 7.97
C CYS B 491 -23.73 -13.31 7.38
N PRO B 492 -24.80 -13.15 8.18
CA PRO B 492 -26.15 -13.40 7.64
C PRO B 492 -26.67 -12.18 6.89
N PHE B 493 -25.92 -11.76 5.84
CA PHE B 493 -26.20 -10.61 4.96
C PHE B 493 -26.51 -11.16 3.54
N GLY B 494 -27.66 -10.75 2.98
CA GLY B 494 -28.22 -11.31 1.77
C GLY B 494 -28.51 -10.33 0.63
N ASP B 495 -29.70 -10.47 0.08
CA ASP B 495 -30.20 -9.73 -1.08
C ASP B 495 -30.61 -8.30 -0.77
N LYS B 496 -31.23 -8.08 0.38
CA LYS B 496 -31.96 -6.87 0.69
C LYS B 496 -31.15 -5.59 0.77
N ALA B 497 -30.08 -5.58 1.58
CA ALA B 497 -29.17 -4.42 1.69
C ALA B 497 -28.43 -4.15 0.38
N LEU B 498 -27.96 -5.21 -0.25
CA LEU B 498 -27.25 -5.15 -1.52
C LEU B 498 -28.07 -4.45 -2.60
N LEU B 499 -29.31 -4.87 -2.80
CA LEU B 499 -30.17 -4.23 -3.82
C LEU B 499 -30.75 -2.89 -3.34
N ALA B 500 -31.11 -2.78 -2.04
CA ALA B 500 -31.55 -1.45 -1.54
C ALA B 500 -30.53 -0.32 -1.72
N ASN B 501 -29.25 -0.68 -1.68
CA ASN B 501 -28.13 0.30 -1.74
C ASN B 501 -27.29 0.14 -2.99
N ALA B 502 -27.90 -0.31 -4.07
CA ALA B 502 -27.14 -0.58 -5.27
C ALA B 502 -26.28 0.62 -5.76
N SER B 503 -26.80 1.85 -5.80
CA SER B 503 -25.98 2.96 -6.34
C SER B 503 -24.78 3.40 -5.45
N LYS B 504 -24.84 3.05 -4.16
CA LYS B 504 -23.72 3.16 -3.26
C LYS B 504 -22.50 2.48 -3.83
N LEU B 505 -22.71 1.36 -4.51
CA LEU B 505 -21.61 0.50 -5.00
C LEU B 505 -20.76 1.14 -6.09
N GLU B 506 -21.30 2.19 -6.72
CA GLU B 506 -20.61 2.93 -7.73
C GLU B 506 -19.72 4.00 -7.10
N THR B 507 -19.84 4.21 -5.79
CA THR B 507 -18.94 5.10 -5.09
C THR B 507 -17.76 4.36 -4.42
N MET B 508 -17.70 3.03 -4.59
CA MET B 508 -16.75 2.23 -3.88
C MET B 508 -15.83 1.53 -4.85
N ARG B 509 -14.60 1.22 -4.43
CA ARG B 509 -13.72 0.42 -5.30
C ARG B 509 -14.34 -0.96 -5.51
N SER B 510 -14.79 -1.59 -4.43
CA SER B 510 -15.26 -2.96 -4.50
C SER B 510 -16.07 -3.38 -3.26
N LEU B 511 -16.88 -4.42 -3.42
CA LEU B 511 -17.55 -5.10 -2.31
C LEU B 511 -17.30 -6.61 -2.53
N TRP B 512 -16.82 -7.28 -1.48
CA TRP B 512 -16.59 -8.72 -1.46
C TRP B 512 -17.52 -9.33 -0.43
N MET B 513 -18.23 -10.40 -0.81
CA MET B 513 -19.02 -11.19 0.16
C MET B 513 -18.81 -12.67 -0.13
N SER B 514 -18.34 -13.47 0.84
CA SER B 514 -18.22 -14.93 0.64
C SER B 514 -18.88 -15.66 1.78
N SER B 515 -19.51 -16.79 1.50
CA SER B 515 -20.23 -17.53 2.56
C SER B 515 -21.28 -16.71 3.27
N CYS B 516 -21.91 -15.78 2.57
CA CYS B 516 -23.04 -15.03 3.11
C CYS B 516 -24.31 -15.66 2.49
N SER B 517 -25.43 -14.91 2.39
CA SER B 517 -26.67 -15.51 1.90
C SER B 517 -27.16 -14.84 0.62
N VAL B 518 -26.28 -14.20 -0.11
CA VAL B 518 -26.61 -13.52 -1.36
C VAL B 518 -26.95 -14.56 -2.39
N SER B 519 -28.20 -14.48 -2.89
CA SER B 519 -28.71 -15.47 -3.80
C SER B 519 -28.23 -15.17 -5.20
N PHE B 520 -28.23 -16.18 -6.07
CA PHE B 520 -27.95 -16.00 -7.49
C PHE B 520 -28.96 -15.06 -8.17
N GLY B 521 -30.23 -15.23 -7.87
CA GLY B 521 -31.26 -14.28 -8.31
C GLY B 521 -30.92 -12.82 -8.03
N ALA B 522 -30.59 -12.48 -6.77
CA ALA B 522 -30.09 -11.13 -6.44
C ALA B 522 -28.90 -10.72 -7.31
N CYS B 523 -27.93 -11.59 -7.48
CA CYS B 523 -26.77 -11.27 -8.31
C CYS B 523 -27.16 -10.90 -9.74
N LYS B 524 -28.06 -11.67 -10.33
CA LYS B 524 -28.52 -11.43 -11.69
C LYS B 524 -29.17 -10.04 -11.79
N LEU B 525 -30.08 -9.78 -10.85
CA LEU B 525 -30.83 -8.53 -10.83
C LEU B 525 -29.89 -7.31 -10.73
N LEU B 526 -28.94 -7.39 -9.80
CA LEU B 526 -28.01 -6.29 -9.57
C LEU B 526 -27.20 -6.03 -10.84
N GLY B 527 -26.81 -7.09 -11.56
CA GLY B 527 -26.08 -7.00 -12.82
C GLY B 527 -26.91 -6.31 -13.90
N GLN B 528 -28.20 -6.64 -13.97
CA GLN B 528 -29.19 -5.98 -14.83
C GLN B 528 -29.28 -4.48 -14.53
N LYS B 529 -29.52 -4.15 -13.27
CA LYS B 529 -29.77 -2.80 -12.82
C LYS B 529 -28.53 -1.88 -13.00
N MET B 530 -27.33 -2.44 -12.80
CA MET B 530 -26.08 -1.67 -12.65
C MET B 530 -25.08 -2.12 -13.70
N PRO B 531 -25.29 -1.74 -14.97
CA PRO B 531 -24.35 -2.16 -16.01
C PRO B 531 -22.90 -1.67 -15.87
N LYS B 532 -22.64 -0.63 -15.06
CA LYS B 532 -21.25 -0.12 -14.88
C LYS B 532 -20.58 -0.84 -13.74
N LEU B 533 -21.25 -1.85 -13.19
CA LEU B 533 -20.67 -2.70 -12.20
C LEU B 533 -20.30 -4.07 -12.81
N ASN B 534 -19.15 -4.65 -12.43
CA ASN B 534 -18.96 -6.05 -12.77
C ASN B 534 -19.36 -6.78 -11.52
N VAL B 535 -20.37 -7.65 -11.66
CA VAL B 535 -20.93 -8.42 -10.58
C VAL B 535 -20.46 -9.82 -10.86
N GLU B 536 -19.50 -10.33 -10.09
CA GLU B 536 -18.87 -11.58 -10.42
C GLU B 536 -19.25 -12.67 -9.41
N VAL B 537 -19.89 -13.72 -9.90
CA VAL B 537 -20.17 -14.90 -9.11
C VAL B 537 -19.01 -15.87 -9.21
N ILE B 538 -18.41 -16.17 -8.08
CA ILE B 538 -17.26 -17.05 -8.03
C ILE B 538 -17.62 -18.30 -7.26
N ASP B 539 -17.86 -19.38 -7.97
CA ASP B 539 -18.54 -20.53 -7.36
C ASP B 539 -18.02 -21.76 -8.05
N GLU B 540 -17.55 -22.71 -7.25
CA GLU B 540 -16.88 -23.87 -7.78
C GLU B 540 -17.76 -25.12 -7.81
N ARG B 541 -19.08 -24.93 -7.64
CA ARG B 541 -20.03 -26.05 -7.77
C ARG B 541 -20.61 -26.19 -9.17
N GLY B 542 -20.06 -25.52 -10.17
CA GLY B 542 -20.72 -25.53 -11.49
C GLY B 542 -21.73 -24.41 -11.67
N ALA B 543 -22.30 -24.33 -12.88
CA ALA B 543 -23.18 -23.25 -13.32
C ALA B 543 -24.22 -22.89 -12.26
N PRO B 544 -24.31 -21.59 -11.92
CA PRO B 544 -25.31 -21.18 -10.94
C PRO B 544 -26.76 -21.47 -11.39
N ASP B 545 -27.00 -21.44 -12.71
CA ASP B 545 -28.19 -22.01 -13.40
C ASP B 545 -28.68 -23.40 -13.00
N SER B 546 -27.79 -24.27 -12.55
CA SER B 546 -28.16 -25.63 -12.18
C SER B 546 -28.72 -25.74 -10.75
N ARG B 547 -28.93 -24.62 -10.09
CA ARG B 547 -29.49 -24.62 -8.75
C ARG B 547 -30.61 -23.60 -8.78
N PRO B 548 -31.56 -23.70 -7.83
CA PRO B 548 -32.60 -22.64 -7.79
C PRO B 548 -31.99 -21.25 -7.61
N GLU B 549 -32.59 -20.26 -8.27
CA GLU B 549 -32.16 -18.86 -8.15
C GLU B 549 -31.97 -18.35 -6.73
N SER B 550 -32.75 -18.91 -5.81
CA SER B 550 -32.77 -18.47 -4.43
C SER B 550 -31.54 -18.96 -3.68
N CYS B 551 -30.76 -19.83 -4.31
CA CYS B 551 -29.65 -20.47 -3.62
C CYS B 551 -28.48 -19.53 -3.52
N PRO B 552 -27.98 -19.33 -2.27
CA PRO B 552 -26.77 -18.54 -2.03
C PRO B 552 -25.57 -18.97 -2.86
N VAL B 553 -24.90 -18.00 -3.46
CA VAL B 553 -23.67 -18.24 -4.18
C VAL B 553 -22.54 -18.36 -3.16
N GLU B 554 -21.53 -19.18 -3.47
CA GLU B 554 -20.31 -19.27 -2.62
C GLU B 554 -19.69 -17.91 -2.33
N ARG B 555 -19.44 -17.12 -3.39
CA ARG B 555 -18.81 -15.81 -3.30
C ARG B 555 -19.37 -14.93 -4.36
N VAL B 556 -19.46 -13.64 -4.07
CA VAL B 556 -19.72 -12.63 -5.09
C VAL B 556 -18.75 -11.49 -4.86
N PHE B 557 -18.15 -11.02 -5.94
CA PHE B 557 -17.23 -9.90 -5.92
C PHE B 557 -17.76 -8.80 -6.85
N ILE B 558 -17.98 -7.60 -6.35
CA ILE B 558 -18.65 -6.54 -7.10
C ILE B 558 -17.69 -5.36 -7.19
N TYR B 559 -17.49 -4.80 -8.38
CA TYR B 559 -16.62 -3.62 -8.48
C TYR B 559 -17.00 -2.74 -9.69
N ARG B 560 -17.00 -1.44 -9.48
CA ARG B 560 -17.18 -0.49 -10.58
C ARG B 560 -16.02 -0.52 -11.57
N THR B 561 -16.31 -0.26 -12.83
CA THR B 561 -15.31 -0.32 -13.89
C THR B 561 -15.79 0.52 -15.08
N VAL B 562 -14.86 1.16 -15.78
CA VAL B 562 -15.14 1.83 -17.05
C VAL B 562 -14.72 0.88 -18.20
N ALA B 563 -14.19 -0.30 -17.89
CA ALA B 563 -13.80 -1.20 -18.97
C ALA B 563 -14.88 -2.23 -19.31
N GLY B 564 -15.89 -2.44 -18.46
CA GLY B 564 -16.92 -3.43 -18.76
C GLY B 564 -16.48 -4.82 -18.34
N PRO B 565 -17.26 -5.88 -18.69
CA PRO B 565 -16.88 -7.26 -18.34
C PRO B 565 -15.47 -7.66 -18.81
N ARG B 566 -14.76 -8.43 -17.98
CA ARG B 566 -13.38 -8.70 -18.25
C ARG B 566 -13.22 -9.88 -19.23
N PHE B 567 -12.09 -9.90 -19.94
CA PHE B 567 -11.86 -10.94 -20.95
C PHE B 567 -11.17 -12.23 -20.50
N ASP B 568 -10.84 -12.37 -19.22
CA ASP B 568 -10.03 -13.51 -18.77
C ASP B 568 -10.65 -14.27 -17.60
N MET B 569 -11.98 -14.28 -17.53
CA MET B 569 -12.67 -15.07 -16.49
C MET B 569 -12.42 -16.56 -16.72
N PRO B 570 -12.11 -17.33 -15.65
CA PRO B 570 -12.02 -18.79 -15.79
C PRO B 570 -13.43 -19.41 -15.66
N GLY B 571 -13.52 -20.74 -15.74
CA GLY B 571 -14.79 -21.44 -15.80
C GLY B 571 -15.69 -21.32 -14.58
N PHE B 572 -15.13 -20.97 -13.43
CA PHE B 572 -15.88 -20.85 -12.16
C PHE B 572 -16.30 -19.39 -11.87
N VAL B 573 -16.15 -18.51 -12.87
CA VAL B 573 -16.56 -17.13 -12.68
C VAL B 573 -17.56 -16.68 -13.75
N TRP B 574 -18.69 -16.13 -13.27
CA TRP B 574 -19.70 -15.59 -14.15
C TRP B 574 -19.91 -14.10 -13.87
N ASN B 575 -19.86 -13.28 -14.92
CA ASN B 575 -20.30 -11.88 -14.89
C ASN B 575 -21.81 -11.79 -15.18
N MET B 576 -22.50 -10.97 -14.40
CA MET B 576 -23.95 -10.83 -14.53
C MET B 576 -24.46 -9.77 -15.52
N ASP B 577 -23.61 -9.17 -16.33
CA ASP B 577 -24.10 -8.05 -17.19
C ASP B 577 -24.90 -8.61 -18.32
N GLN B 578 -25.85 -7.82 -18.80
CA GLN B 578 -26.72 -8.29 -19.86
C GLN B 578 -26.15 -7.99 -21.25
#